data_8BTT
#
_entry.id   8BTT
#
_cell.length_a   215.640
_cell.length_b   215.640
_cell.length_c   46.870
_cell.angle_alpha   90.000
_cell.angle_beta   90.000
_cell.angle_gamma   90.000
#
_symmetry.space_group_name_H-M   'I 4'
#
loop_
_entity.id
_entity.type
_entity.pdbx_description
1 polymer 'RNA-splicing ligase RtcB homolog'
2 non-polymer 'MANGANESE (II) ION'
3 water water
#
_entity_poly.entity_id   1
_entity_poly.type   'polypeptide(L)'
_entity_poly.pdbx_seq_one_letter_code
;MSYYHHHHHHDYDIPTTENLYFQGAMSRSYNDELQFLEKINKNCWRIKKGFVPNMQVEGVFYVNDALEKLMFEELRNACR
GGGVGGFLPAMKQIGNVAALPGIVHRSIGLPDVHSGYGFAIGNMAAFDMNDPEAVVSPGGVGFDINCGVRLLRTNLDESD
VQPVKEQLAQAMFDHIPVGVGSKGVIPMNAKDLEEALEMGVDWSLREGYAWAEDKEHCEEYGRMLQADPNKVSARAKKRG
LPQLGTLGAGNHYAEIQVVDEIFNEYAAKKMGIDHKGQVCVMIHSGSRGLGHQVATDALVAMEKAMKRDKIIVNDRQLAC
ARIASPEGQDYLKGMAAAGNYAWVNRSSMTFLTRQAFAKVFNTTPDDLDLHVIYDVSHNIAKVEQHVVDGKERTLLVHRK
GSTRAFPPHHPLIAVDYQLTGQPVLIGGTMGTCSYVLTGTEQGMTETFGTTCHGAGRALSRAKSRRNLDFQDVLDKLADM
GIAIRVASPKLVMEEAPESYKNVTDVVNTCHDAGISKKAIKLRPIAVIKG
;
_entity_poly.pdbx_strand_id   A,B
#
# COMPACT_ATOMS: atom_id res chain seq x y z
N THR A 16 17.05 -1.88 -41.57
CA THR A 16 18.03 -2.94 -41.79
C THR A 16 18.30 -3.14 -43.27
N THR A 17 18.99 -2.17 -43.89
CA THR A 17 19.22 -2.18 -45.32
C THR A 17 20.46 -1.37 -45.70
N GLU A 18 20.30 -0.05 -45.76
CA GLU A 18 21.35 0.84 -46.23
C GLU A 18 22.00 1.62 -45.09
N ASN A 19 21.82 1.17 -43.85
CA ASN A 19 22.40 1.80 -42.69
C ASN A 19 23.87 1.44 -42.51
N LEU A 20 24.42 0.58 -43.36
CA LEU A 20 25.83 0.21 -43.27
C LEU A 20 26.70 1.26 -43.94
N TYR A 21 27.86 1.51 -43.35
CA TYR A 21 28.90 2.25 -44.05
C TYR A 21 29.42 1.40 -45.19
N PHE A 22 29.94 2.06 -46.23
CA PHE A 22 30.57 1.35 -47.33
C PHE A 22 31.70 0.49 -46.78
N GLN A 23 31.51 -0.83 -46.84
CA GLN A 23 32.43 -1.76 -46.20
C GLN A 23 32.61 -2.98 -47.09
N GLY A 24 33.46 -3.89 -46.65
CA GLY A 24 33.75 -5.09 -47.39
C GLY A 24 33.00 -6.29 -46.84
N ALA A 25 33.55 -7.48 -47.09
CA ALA A 25 32.96 -8.78 -46.76
C ALA A 25 31.61 -9.01 -47.44
N MET A 26 31.25 -8.17 -48.41
CA MET A 26 29.94 -8.24 -49.06
C MET A 26 30.01 -8.89 -50.43
N SER A 27 31.19 -9.33 -50.86
CA SER A 27 31.33 -10.03 -52.13
C SER A 27 31.39 -11.53 -51.85
N ARG A 28 30.28 -12.05 -51.37
CA ARG A 28 30.20 -13.42 -50.89
C ARG A 28 28.95 -14.10 -51.41
N SER A 29 28.97 -15.42 -51.32
CA SER A 29 27.85 -16.30 -51.62
C SER A 29 27.56 -17.15 -50.40
N TYR A 30 26.49 -17.95 -50.50
CA TYR A 30 26.03 -18.73 -49.36
C TYR A 30 27.07 -19.73 -48.88
N ASN A 31 27.88 -20.26 -49.79
CA ASN A 31 28.86 -21.28 -49.42
C ASN A 31 30.06 -20.72 -48.70
N ASP A 32 30.49 -19.50 -49.05
CA ASP A 32 31.56 -18.88 -48.28
C ASP A 32 31.07 -18.46 -46.91
N GLU A 33 29.81 -18.03 -46.81
CA GLU A 33 29.24 -17.69 -45.51
C GLU A 33 29.08 -18.93 -44.65
N LEU A 34 28.78 -20.08 -45.25
CA LEU A 34 28.72 -21.33 -44.49
C LEU A 34 30.09 -21.74 -43.97
N GLN A 35 31.16 -21.25 -44.58
CA GLN A 35 32.50 -21.57 -44.09
C GLN A 35 32.73 -20.98 -42.71
N PHE A 36 32.21 -19.78 -42.47
CA PHE A 36 32.32 -19.12 -41.18
C PHE A 36 31.36 -19.66 -40.13
N LEU A 37 30.64 -20.74 -40.43
CA LEU A 37 29.62 -21.26 -39.54
C LEU A 37 29.90 -22.72 -39.22
N GLU A 38 29.85 -23.05 -37.93
CA GLU A 38 30.07 -24.40 -37.43
C GLU A 38 29.14 -24.63 -36.25
N LYS A 39 28.65 -25.85 -36.11
CA LYS A 39 27.67 -26.19 -35.08
C LYS A 39 28.42 -26.71 -33.85
N ILE A 40 28.26 -26.01 -32.74
CA ILE A 40 28.96 -26.40 -31.50
C ILE A 40 28.36 -27.67 -30.93
N ASN A 41 27.04 -27.76 -30.86
CA ASN A 41 26.39 -28.91 -30.24
C ASN A 41 24.98 -29.03 -30.80
N LYS A 42 24.13 -29.78 -30.09
CA LYS A 42 22.80 -30.09 -30.59
C LYS A 42 21.94 -28.84 -30.76
N ASN A 43 22.16 -27.82 -29.92
CA ASN A 43 21.29 -26.65 -29.91
C ASN A 43 22.04 -25.33 -30.08
N CYS A 44 23.31 -25.35 -30.50
CA CYS A 44 24.07 -24.10 -30.61
C CYS A 44 24.96 -24.12 -31.84
N TRP A 45 25.07 -22.97 -32.49
CA TRP A 45 25.92 -22.76 -33.65
C TRP A 45 26.97 -21.70 -33.34
N ARG A 46 28.09 -21.77 -34.04
CA ARG A 46 29.19 -20.83 -33.86
C ARG A 46 29.36 -19.99 -35.12
N ILE A 47 29.50 -18.67 -34.94
CA ILE A 47 29.86 -17.76 -36.00
C ILE A 47 31.32 -17.40 -35.83
N LYS A 48 32.17 -17.89 -36.73
CA LYS A 48 33.59 -17.59 -36.65
C LYS A 48 33.86 -16.15 -37.08
N LYS A 49 35.00 -15.63 -36.64
CA LYS A 49 35.39 -14.28 -37.02
C LYS A 49 35.69 -14.20 -38.51
N GLY A 50 35.50 -13.01 -39.07
CA GLY A 50 35.57 -12.82 -40.51
C GLY A 50 34.22 -12.86 -41.19
N PHE A 51 33.18 -13.33 -40.50
CA PHE A 51 31.83 -13.28 -41.05
C PHE A 51 31.43 -11.86 -41.40
N VAL A 52 31.76 -10.91 -40.52
CA VAL A 52 31.61 -9.49 -40.77
C VAL A 52 32.93 -8.84 -40.42
N PRO A 53 33.16 -7.57 -40.78
CA PRO A 53 34.45 -6.95 -40.47
C PRO A 53 34.63 -6.65 -38.99
N ASN A 54 35.89 -6.74 -38.55
CA ASN A 54 36.36 -6.21 -37.27
C ASN A 54 35.82 -6.96 -36.05
N MET A 55 35.56 -8.25 -36.18
CA MET A 55 35.00 -9.01 -35.06
C MET A 55 36.05 -9.16 -33.95
N GLN A 56 35.67 -8.77 -32.74
CA GLN A 56 36.52 -8.90 -31.56
C GLN A 56 36.37 -10.25 -30.87
N VAL A 57 35.16 -10.81 -30.87
CA VAL A 57 34.90 -12.12 -30.32
C VAL A 57 34.11 -12.92 -31.36
N GLU A 58 33.84 -14.18 -31.03
CA GLU A 58 33.00 -15.00 -31.89
C GLU A 58 31.52 -14.74 -31.59
N GLY A 59 30.67 -15.31 -32.44
CA GLY A 59 29.24 -15.22 -32.26
C GLY A 59 28.63 -16.61 -32.14
N VAL A 60 27.51 -16.68 -31.42
CA VAL A 60 26.79 -17.93 -31.24
C VAL A 60 25.30 -17.64 -31.22
N PHE A 61 24.51 -18.61 -31.70
CA PHE A 61 23.06 -18.56 -31.56
C PHE A 61 22.55 -19.97 -31.28
N TYR A 62 21.38 -20.01 -30.62
CA TYR A 62 20.78 -21.25 -30.14
C TYR A 62 19.56 -21.61 -30.97
N VAL A 63 19.47 -22.87 -31.38
CA VAL A 63 18.45 -23.31 -32.32
C VAL A 63 17.94 -24.70 -31.95
N ASN A 64 16.72 -24.99 -32.38
CA ASN A 64 16.26 -26.35 -32.63
C ASN A 64 16.21 -26.55 -34.13
N ASP A 65 15.77 -27.73 -34.57
CA ASP A 65 15.78 -28.01 -36.00
C ASP A 65 14.87 -27.06 -36.77
N ALA A 66 13.79 -26.60 -36.14
CA ALA A 66 12.89 -25.66 -36.80
C ALA A 66 13.51 -24.27 -36.90
N LEU A 67 13.93 -23.71 -35.76
CA LEU A 67 14.51 -22.36 -35.76
C LEU A 67 15.83 -22.32 -36.52
N GLU A 68 16.55 -23.45 -36.59
CA GLU A 68 17.76 -23.50 -37.40
C GLU A 68 17.45 -23.31 -38.87
N LYS A 69 16.35 -23.90 -39.35
CA LYS A 69 15.97 -23.74 -40.76
C LYS A 69 15.70 -22.28 -41.09
N LEU A 70 14.97 -21.58 -40.22
CA LEU A 70 14.62 -20.18 -40.51
C LEU A 70 15.85 -19.28 -40.48
N MET A 71 16.80 -19.56 -39.58
CA MET A 71 18.00 -18.75 -39.49
C MET A 71 18.85 -18.88 -40.75
N PHE A 72 19.03 -20.11 -41.25
CA PHE A 72 19.86 -20.31 -42.42
C PHE A 72 19.11 -20.02 -43.72
N GLU A 73 17.77 -20.01 -43.69
CA GLU A 73 17.01 -19.52 -44.84
C GLU A 73 17.12 -18.00 -44.94
N GLU A 74 17.02 -17.31 -43.81
CA GLU A 74 17.14 -15.85 -43.81
C GLU A 74 18.53 -15.42 -44.27
N LEU A 75 19.55 -16.20 -43.94
CA LEU A 75 20.88 -15.92 -44.46
C LEU A 75 20.91 -16.00 -45.98
N ARG A 76 20.44 -17.12 -46.53
CA ARG A 76 20.55 -17.34 -47.97
C ARG A 76 19.68 -16.35 -48.75
N ASN A 77 18.52 -15.99 -48.21
CA ASN A 77 17.63 -15.07 -48.91
C ASN A 77 18.29 -13.71 -49.11
N ALA A 78 19.04 -13.24 -48.11
CA ALA A 78 19.78 -12.00 -48.28
C ALA A 78 21.13 -12.25 -48.95
N CYS A 79 21.80 -13.34 -48.61
CA CYS A 79 23.13 -13.60 -49.15
C CYS A 79 23.05 -13.90 -50.65
N ARG A 80 22.14 -14.78 -51.04
CA ARG A 80 21.98 -15.09 -52.46
C ARG A 80 21.65 -13.84 -53.26
N GLY A 81 20.94 -12.89 -52.68
CA GLY A 81 20.59 -11.68 -53.40
C GLY A 81 19.73 -11.98 -54.61
N GLY A 82 20.23 -11.61 -55.78
CA GLY A 82 19.46 -11.69 -57.00
C GLY A 82 18.23 -10.81 -57.03
N GLY A 83 18.04 -9.93 -56.04
CA GLY A 83 16.89 -9.05 -56.07
C GLY A 83 17.11 -7.83 -55.20
N VAL A 84 16.07 -7.00 -55.11
CA VAL A 84 16.16 -5.78 -54.33
C VAL A 84 15.94 -6.09 -52.84
N GLY A 85 16.49 -5.26 -51.96
CA GLY A 85 16.31 -5.47 -50.54
C GLY A 85 17.57 -5.27 -49.74
N GLY A 86 18.52 -6.18 -49.87
CA GLY A 86 19.69 -6.15 -49.01
C GLY A 86 19.35 -6.23 -47.53
N PHE A 87 18.29 -6.96 -47.19
CA PHE A 87 17.84 -7.05 -45.80
C PHE A 87 18.93 -7.63 -44.91
N LEU A 88 19.04 -7.09 -43.68
CA LEU A 88 20.09 -7.51 -42.75
C LEU A 88 19.67 -8.76 -41.99
N PRO A 89 20.33 -9.89 -42.22
CA PRO A 89 20.01 -11.11 -41.47
C PRO A 89 20.42 -10.98 -40.01
N ALA A 90 19.70 -11.72 -39.16
CA ALA A 90 20.02 -11.71 -37.74
C ALA A 90 21.42 -12.26 -37.49
N MET A 91 21.83 -13.27 -38.27
CA MET A 91 23.17 -13.83 -38.15
C MET A 91 24.24 -12.79 -38.41
N LYS A 92 23.99 -11.85 -39.32
CA LYS A 92 24.97 -10.80 -39.61
C LYS A 92 25.01 -9.75 -38.51
N GLN A 93 23.84 -9.36 -37.98
CA GLN A 93 23.83 -8.37 -36.91
C GLN A 93 24.51 -8.90 -35.65
N ILE A 94 24.43 -10.22 -35.43
CA ILE A 94 25.16 -10.81 -34.31
C ILE A 94 26.66 -10.53 -34.44
N GLY A 95 27.19 -10.73 -35.65
CA GLY A 95 28.62 -10.49 -35.85
C GLY A 95 29.00 -9.03 -35.73
N ASN A 96 28.14 -8.15 -36.25
CA ASN A 96 28.37 -6.71 -36.10
C ASN A 96 28.49 -6.33 -34.63
N VAL A 97 27.63 -6.91 -33.78
CA VAL A 97 27.71 -6.67 -32.35
C VAL A 97 29.00 -7.22 -31.78
N ALA A 98 29.48 -8.35 -32.33
CA ALA A 98 30.76 -8.92 -31.92
C ALA A 98 31.94 -8.05 -32.33
N ALA A 99 31.73 -7.06 -33.19
CA ALA A 99 32.77 -6.13 -33.62
C ALA A 99 32.81 -4.86 -32.79
N LEU A 100 32.09 -4.83 -31.68
CA LEU A 100 32.02 -3.66 -30.81
C LEU A 100 33.17 -3.68 -29.80
N PRO A 101 33.83 -2.55 -29.57
CA PRO A 101 34.95 -2.52 -28.62
C PRO A 101 34.46 -2.71 -27.19
N GLY A 102 35.18 -3.53 -26.45
CA GLY A 102 34.86 -3.82 -25.07
C GLY A 102 34.13 -5.12 -24.85
N ILE A 103 33.62 -5.75 -25.90
CA ILE A 103 32.84 -6.97 -25.73
C ILE A 103 33.74 -8.09 -25.21
N VAL A 104 33.15 -8.98 -24.41
CA VAL A 104 33.85 -10.14 -23.87
C VAL A 104 33.00 -11.38 -24.15
N HIS A 105 33.65 -12.54 -23.98
CA HIS A 105 33.05 -13.85 -24.26
C HIS A 105 32.56 -13.92 -25.69
N ARG A 106 31.26 -13.74 -25.95
CA ARG A 106 30.73 -13.80 -27.31
C ARG A 106 29.42 -13.03 -27.38
N SER A 107 29.10 -12.52 -28.58
CA SER A 107 27.77 -11.99 -28.84
C SER A 107 26.83 -13.16 -29.14
N ILE A 108 25.70 -13.20 -28.43
CA ILE A 108 24.90 -14.41 -28.32
C ILE A 108 23.49 -14.14 -28.83
N GLY A 109 23.00 -15.03 -29.69
CA GLY A 109 21.63 -14.96 -30.18
C GLY A 109 20.77 -16.01 -29.50
N LEU A 110 19.79 -15.54 -28.75
CA LEU A 110 18.84 -16.44 -28.12
C LEU A 110 17.94 -17.07 -29.18
N PRO A 111 17.25 -18.17 -28.86
CA PRO A 111 16.44 -18.85 -29.88
C PRO A 111 15.42 -17.96 -30.58
N ASP A 112 14.99 -16.87 -29.97
CA ASP A 112 14.01 -15.96 -30.57
C ASP A 112 14.67 -14.77 -31.24
N VAL A 113 15.92 -14.93 -31.69
CA VAL A 113 16.66 -13.80 -32.25
C VAL A 113 16.07 -13.42 -33.62
N HIS A 114 15.79 -12.14 -33.79
CA HIS A 114 15.36 -11.61 -35.08
C HIS A 114 15.93 -10.21 -35.24
N SER A 115 15.90 -9.72 -36.48
CA SER A 115 16.64 -8.52 -36.84
C SER A 115 16.02 -7.27 -36.23
N GLY A 116 16.88 -6.32 -35.88
CA GLY A 116 16.44 -5.07 -35.30
C GLY A 116 17.44 -3.96 -35.53
N TYR A 117 17.20 -2.83 -34.85
CA TYR A 117 18.04 -1.64 -34.99
C TYR A 117 19.43 -1.89 -34.42
N GLY A 118 20.44 -1.96 -35.29
CA GLY A 118 21.80 -2.19 -34.85
C GLY A 118 21.97 -3.59 -34.27
N PHE A 119 21.64 -3.73 -32.98
CA PHE A 119 21.56 -5.04 -32.37
C PHE A 119 20.36 -5.79 -32.92
N ALA A 120 20.48 -7.12 -33.00
CA ALA A 120 19.32 -7.96 -33.26
C ALA A 120 18.45 -8.05 -32.01
N ILE A 121 17.14 -8.11 -32.22
CA ILE A 121 16.23 -8.35 -31.10
C ILE A 121 16.43 -9.78 -30.63
N GLY A 122 16.87 -9.93 -29.38
CA GLY A 122 17.23 -11.22 -28.83
C GLY A 122 18.71 -11.55 -28.90
N ASN A 123 19.57 -10.55 -29.14
CA ASN A 123 21.01 -10.75 -29.28
C ASN A 123 21.69 -10.05 -28.10
N MET A 124 22.33 -10.83 -27.24
CA MET A 124 22.95 -10.30 -26.02
C MET A 124 24.45 -10.13 -26.22
N ALA A 125 25.01 -9.10 -25.58
CA ALA A 125 26.45 -8.87 -25.55
C ALA A 125 26.80 -8.06 -24.31
N ALA A 126 27.93 -8.41 -23.69
CA ALA A 126 28.39 -7.79 -22.46
C ALA A 126 29.78 -7.20 -22.64
N PHE A 127 30.06 -6.12 -21.91
CA PHE A 127 31.27 -5.35 -22.07
C PHE A 127 31.96 -5.18 -20.73
N ASP A 128 33.29 -5.35 -20.72
CA ASP A 128 34.06 -5.23 -19.50
C ASP A 128 34.17 -3.76 -19.10
N MET A 129 33.63 -3.41 -17.94
CA MET A 129 33.64 -2.03 -17.47
C MET A 129 35.00 -1.59 -16.96
N ASN A 130 35.99 -2.47 -16.97
CA ASN A 130 37.37 -2.10 -16.70
C ASN A 130 38.18 -1.94 -17.98
N ASP A 131 37.54 -2.12 -19.14
CA ASP A 131 38.16 -1.83 -20.43
C ASP A 131 37.85 -0.40 -20.81
N PRO A 132 38.85 0.46 -21.02
CA PRO A 132 38.56 1.86 -21.35
C PRO A 132 37.94 2.04 -22.72
N GLU A 133 38.12 1.10 -23.64
CA GLU A 133 37.48 1.16 -24.95
C GLU A 133 36.08 0.59 -24.96
N ALA A 134 35.60 0.07 -23.82
CA ALA A 134 34.26 -0.48 -23.75
C ALA A 134 33.23 0.61 -23.98
N VAL A 135 32.14 0.23 -24.66
CA VAL A 135 31.11 1.17 -25.08
C VAL A 135 29.75 0.68 -24.61
N VAL A 136 28.76 1.57 -24.70
CA VAL A 136 27.36 1.28 -24.43
C VAL A 136 26.57 1.67 -25.67
N SER A 137 25.70 0.79 -26.12
CA SER A 137 24.93 1.01 -27.35
C SER A 137 23.45 1.09 -27.03
N PRO A 138 22.79 2.22 -27.32
CA PRO A 138 21.32 2.26 -27.11
C PRO A 138 20.59 1.24 -27.96
N GLY A 139 21.11 0.93 -29.15
CA GLY A 139 20.53 -0.11 -29.97
C GLY A 139 20.62 -1.48 -29.35
N GLY A 140 21.50 -1.67 -28.36
CA GLY A 140 21.60 -2.87 -27.56
C GLY A 140 20.63 -2.92 -26.41
N VAL A 141 19.89 -1.84 -26.18
CA VAL A 141 18.85 -1.79 -25.17
C VAL A 141 17.46 -1.78 -25.80
N GLY A 142 17.28 -1.05 -26.89
CA GLY A 142 15.98 -0.92 -27.52
C GLY A 142 15.37 0.46 -27.28
N PHE A 143 14.44 0.81 -28.16
CA PHE A 143 13.80 2.12 -28.05
C PHE A 143 12.77 2.14 -26.93
N ASP A 144 12.08 1.03 -26.67
CA ASP A 144 11.13 0.95 -25.57
C ASP A 144 11.88 0.46 -24.34
N ILE A 145 12.60 1.38 -23.71
CA ILE A 145 13.50 1.04 -22.61
C ILE A 145 12.69 0.40 -21.48
N ASN A 146 13.12 -0.78 -21.05
CA ASN A 146 12.51 -1.54 -19.96
C ASN A 146 11.05 -1.88 -20.25
N CYS A 147 10.74 -2.24 -21.50
CA CYS A 147 9.53 -3.00 -21.72
C CYS A 147 9.69 -4.33 -21.01
N GLY A 148 8.66 -4.74 -20.27
CA GLY A 148 8.81 -5.91 -19.43
C GLY A 148 7.48 -6.55 -19.12
N VAL A 149 7.55 -7.68 -18.44
CA VAL A 149 6.39 -8.49 -18.12
C VAL A 149 6.29 -8.59 -16.61
N ARG A 150 5.06 -8.57 -16.10
CA ARG A 150 4.78 -8.74 -14.68
C ARG A 150 3.64 -9.73 -14.54
N LEU A 151 3.82 -10.73 -13.67
CA LEU A 151 2.82 -11.77 -13.46
C LEU A 151 2.26 -11.65 -12.05
N LEU A 152 0.94 -11.53 -11.96
CA LEU A 152 0.22 -11.53 -10.68
C LEU A 152 -0.54 -12.84 -10.55
N ARG A 153 -0.52 -13.41 -9.35
CA ARG A 153 -1.32 -14.59 -9.04
C ARG A 153 -2.62 -14.18 -8.37
N THR A 154 -3.61 -15.08 -8.43
CA THR A 154 -4.87 -14.91 -7.74
C THR A 154 -5.21 -16.21 -7.04
N ASN A 155 -6.07 -16.10 -6.03
CA ASN A 155 -6.60 -17.31 -5.39
C ASN A 155 -7.81 -17.87 -6.13
N LEU A 156 -8.23 -17.23 -7.22
CA LEU A 156 -9.39 -17.66 -7.98
C LEU A 156 -9.02 -18.80 -8.94
N ASP A 157 -10.03 -19.57 -9.31
CA ASP A 157 -9.92 -20.64 -10.30
C ASP A 157 -10.59 -20.19 -11.60
N GLU A 158 -10.33 -20.95 -12.67
CA GLU A 158 -10.95 -20.64 -13.95
C GLU A 158 -12.47 -20.68 -13.85
N SER A 159 -13.00 -21.62 -13.08
CA SER A 159 -14.45 -21.69 -12.88
C SER A 159 -14.98 -20.45 -12.17
N ASP A 160 -14.13 -19.78 -11.38
CA ASP A 160 -14.56 -18.55 -10.70
C ASP A 160 -14.52 -17.34 -11.62
N VAL A 161 -13.64 -17.35 -12.61
CA VAL A 161 -13.41 -16.18 -13.46
C VAL A 161 -14.11 -16.30 -14.80
N GLN A 162 -14.19 -17.52 -15.34
CA GLN A 162 -14.82 -17.74 -16.65
C GLN A 162 -16.22 -17.14 -16.78
N PRO A 163 -17.08 -17.17 -15.75
CA PRO A 163 -18.39 -16.53 -15.93
C PRO A 163 -18.33 -15.02 -16.07
N VAL A 164 -17.42 -14.34 -15.37
CA VAL A 164 -17.43 -12.88 -15.37
C VAL A 164 -16.24 -12.33 -16.15
N LYS A 165 -15.76 -13.09 -17.14
CA LYS A 165 -14.56 -12.68 -17.84
C LYS A 165 -14.81 -11.43 -18.68
N GLU A 166 -16.01 -11.30 -19.26
CA GLU A 166 -16.30 -10.12 -20.08
C GLU A 166 -16.39 -8.87 -19.21
N GLN A 167 -17.02 -8.97 -18.04
CA GLN A 167 -17.09 -7.83 -17.13
C GLN A 167 -15.71 -7.49 -16.57
N LEU A 168 -14.92 -8.51 -16.22
CA LEU A 168 -13.56 -8.28 -15.75
C LEU A 168 -12.73 -7.58 -16.81
N ALA A 169 -12.80 -8.06 -18.06
CA ALA A 169 -12.04 -7.43 -19.13
C ALA A 169 -12.50 -6.00 -19.38
N GLN A 170 -13.82 -5.77 -19.33
CA GLN A 170 -14.33 -4.42 -19.53
C GLN A 170 -13.93 -3.51 -18.37
N ALA A 171 -14.03 -4.02 -17.13
CA ALA A 171 -13.60 -3.22 -15.98
C ALA A 171 -12.12 -2.89 -16.06
N MET A 172 -11.29 -3.86 -16.47
CA MET A 172 -9.87 -3.57 -16.66
C MET A 172 -9.64 -2.57 -17.78
N PHE A 173 -10.41 -2.69 -18.86
CA PHE A 173 -10.28 -1.74 -19.96
C PHE A 173 -10.75 -0.34 -19.54
N ASP A 174 -11.83 -0.27 -18.78
CA ASP A 174 -12.33 1.03 -18.33
C ASP A 174 -11.45 1.67 -17.27
N HIS A 175 -10.62 0.88 -16.59
CA HIS A 175 -9.77 1.46 -15.54
C HIS A 175 -8.53 2.14 -16.10
N ILE A 176 -8.12 1.77 -17.32
CA ILE A 176 -6.90 2.33 -17.91
C ILE A 176 -6.99 3.84 -18.00
N PRO A 177 -8.05 4.46 -18.56
CA PRO A 177 -8.07 5.92 -18.65
C PRO A 177 -8.72 6.58 -17.44
N VAL A 178 -8.08 7.62 -16.92
CA VAL A 178 -8.62 8.40 -15.81
C VAL A 178 -7.94 9.77 -15.72
N GLY A 184 -4.97 9.56 -11.29
CA GLY A 184 -3.68 10.06 -10.83
C GLY A 184 -2.71 8.96 -10.47
N VAL A 185 -3.00 7.72 -10.89
CA VAL A 185 -2.18 6.57 -10.55
C VAL A 185 -0.83 6.63 -11.22
N ILE A 186 -0.68 7.48 -12.23
CA ILE A 186 0.52 7.64 -13.05
C ILE A 186 1.00 9.08 -12.85
N PRO A 187 2.32 9.37 -12.95
CA PRO A 187 2.80 10.75 -12.83
C PRO A 187 2.09 11.71 -13.77
N MET A 188 1.28 12.61 -13.21
CA MET A 188 0.48 13.52 -14.03
C MET A 188 1.07 14.91 -14.13
N ASN A 189 2.10 15.24 -13.35
CA ASN A 189 2.82 16.51 -13.54
C ASN A 189 4.30 16.21 -13.72
N ALA A 190 5.02 17.19 -14.26
CA ALA A 190 6.44 16.99 -14.52
C ALA A 190 7.22 16.80 -13.22
N LYS A 191 6.73 17.37 -12.12
CA LYS A 191 7.42 17.23 -10.85
C LYS A 191 7.30 15.81 -10.32
N ASP A 192 6.09 15.23 -10.37
CA ASP A 192 5.92 13.83 -9.99
C ASP A 192 6.72 12.92 -10.90
N LEU A 193 6.81 13.26 -12.19
CA LEU A 193 7.57 12.42 -13.11
C LEU A 193 9.06 12.45 -12.79
N GLU A 194 9.59 13.63 -12.46
CA GLU A 194 11.01 13.71 -12.08
C GLU A 194 11.30 12.84 -10.87
N GLU A 195 10.34 12.71 -9.95
CA GLU A 195 10.51 11.80 -8.83
C GLU A 195 10.37 10.35 -9.26
N ALA A 196 9.39 10.07 -10.12
CA ALA A 196 9.20 8.70 -10.59
C ALA A 196 10.42 8.20 -11.36
N LEU A 197 10.99 9.06 -12.22
CA LEU A 197 12.19 8.67 -12.96
C LEU A 197 13.35 8.38 -12.04
N GLU A 198 13.43 9.07 -10.90
CA GLU A 198 14.51 8.89 -9.93
C GLU A 198 14.28 7.73 -8.99
N MET A 199 13.02 7.47 -8.61
CA MET A 199 12.72 6.53 -7.55
C MET A 199 12.11 5.23 -8.04
N GLY A 200 11.67 5.15 -9.29
CA GLY A 200 11.06 3.93 -9.77
C GLY A 200 9.87 3.53 -8.93
N VAL A 201 9.81 2.24 -8.57
CA VAL A 201 8.69 1.72 -7.79
C VAL A 201 8.62 2.31 -6.39
N ASP A 202 9.68 2.97 -5.93
CA ASP A 202 9.62 3.65 -4.64
C ASP A 202 8.68 4.84 -4.68
N TRP A 203 8.49 5.44 -5.85
CA TRP A 203 7.46 6.48 -5.99
C TRP A 203 6.07 5.87 -5.84
N SER A 204 5.82 4.75 -6.52
CA SER A 204 4.51 4.11 -6.43
C SER A 204 4.22 3.65 -5.01
N LEU A 205 5.26 3.21 -4.28
CA LEU A 205 5.07 2.80 -2.89
C LEU A 205 4.61 3.98 -2.03
N ARG A 206 5.26 5.13 -2.18
CA ARG A 206 4.89 6.29 -1.38
C ARG A 206 3.50 6.80 -1.74
N GLU A 207 3.12 6.70 -3.01
CA GLU A 207 1.85 7.24 -3.48
C GLU A 207 0.69 6.27 -3.33
N GLY A 208 0.93 5.06 -2.83
CA GLY A 208 -0.13 4.12 -2.55
C GLY A 208 -0.51 3.19 -3.69
N TYR A 209 0.20 3.24 -4.81
CA TYR A 209 -0.12 2.42 -5.97
C TYR A 209 0.69 1.14 -6.04
N ALA A 210 1.40 0.78 -4.97
CA ALA A 210 2.24 -0.41 -4.98
C ALA A 210 2.40 -0.95 -3.57
N TRP A 211 2.48 -2.28 -3.46
CA TRP A 211 2.75 -2.94 -2.19
C TRP A 211 4.25 -3.16 -2.03
N ALA A 212 4.66 -3.30 -0.77
CA ALA A 212 6.07 -3.56 -0.48
C ALA A 212 6.50 -4.90 -1.07
N GLU A 213 5.63 -5.91 -1.01
CA GLU A 213 5.97 -7.22 -1.55
C GLU A 213 6.16 -7.17 -3.06
N ASP A 214 5.58 -6.17 -3.73
CA ASP A 214 5.81 -6.03 -5.17
C ASP A 214 7.27 -5.69 -5.44
N LYS A 215 7.90 -4.92 -4.56
CA LYS A 215 9.29 -4.53 -4.74
C LYS A 215 10.23 -5.72 -4.55
N GLU A 216 9.95 -6.58 -3.56
CA GLU A 216 10.83 -7.70 -3.28
C GLU A 216 10.76 -8.78 -4.35
N HIS A 217 9.70 -8.79 -5.16
CA HIS A 217 9.55 -9.75 -6.24
C HIS A 217 9.63 -9.05 -7.59
N CYS A 218 10.52 -8.08 -7.69
CA CYS A 218 10.70 -7.28 -8.87
C CYS A 218 12.18 -7.22 -9.19
N GLU A 219 12.53 -7.34 -10.48
CA GLU A 219 13.91 -7.22 -10.89
C GLU A 219 14.46 -5.86 -10.46
N GLU A 220 15.65 -5.87 -9.86
CA GLU A 220 16.29 -4.69 -9.31
C GLU A 220 15.40 -3.96 -8.30
N TYR A 221 14.49 -4.68 -7.66
CA TYR A 221 13.56 -4.08 -6.70
C TYR A 221 12.79 -2.91 -7.31
N GLY A 222 12.56 -2.98 -8.62
CA GLY A 222 11.79 -1.95 -9.30
C GLY A 222 12.41 -0.58 -9.30
N ARG A 223 13.70 -0.48 -8.99
CA ARG A 223 14.39 0.80 -9.01
C ARG A 223 15.85 0.57 -9.38
N MET A 224 16.30 1.25 -10.43
CA MET A 224 17.70 1.24 -10.80
C MET A 224 18.36 2.48 -10.24
N LEU A 225 19.33 2.28 -9.34
CA LEU A 225 19.99 3.38 -8.69
C LEU A 225 20.82 4.19 -9.69
N GLN A 226 21.11 5.43 -9.30
CA GLN A 226 21.86 6.40 -10.10
C GLN A 226 21.14 6.82 -11.36
N ALA A 227 19.82 6.68 -11.40
CA ALA A 227 19.04 7.30 -12.47
C ALA A 227 19.00 8.81 -12.27
N ASP A 228 19.06 9.55 -13.37
CA ASP A 228 19.14 11.00 -13.32
C ASP A 228 18.09 11.62 -14.22
N PRO A 229 17.03 12.21 -13.68
CA PRO A 229 16.04 12.89 -14.52
C PRO A 229 16.60 14.08 -15.28
N ASN A 230 17.72 14.66 -14.82
CA ASN A 230 18.35 15.73 -15.54
C ASN A 230 18.93 15.27 -16.87
N LYS A 231 19.11 13.96 -17.05
CA LYS A 231 19.59 13.39 -18.30
C LYS A 231 18.46 12.94 -19.21
N VAL A 232 17.22 13.30 -18.88
CA VAL A 232 16.05 13.00 -19.69
C VAL A 232 15.54 14.30 -20.27
N SER A 233 15.46 14.36 -21.60
CA SER A 233 15.09 15.60 -22.28
C SER A 233 13.66 16.00 -21.95
N ALA A 234 13.37 17.29 -22.16
CA ALA A 234 12.04 17.81 -21.86
C ALA A 234 10.99 17.20 -22.79
N ARG A 235 11.36 16.94 -24.05
CA ARG A 235 10.44 16.26 -24.95
C ARG A 235 10.18 14.83 -24.48
N ALA A 236 11.22 14.15 -23.99
CA ALA A 236 11.02 12.82 -23.44
C ALA A 236 10.07 12.84 -22.25
N LYS A 237 10.23 13.83 -21.37
CA LYS A 237 9.37 13.89 -20.19
C LYS A 237 7.93 14.15 -20.58
N LYS A 238 7.69 14.96 -21.61
CA LYS A 238 6.33 15.21 -22.06
C LYS A 238 5.74 14.00 -22.78
N ARG A 239 6.59 13.21 -23.46
CA ARG A 239 6.12 11.96 -24.05
C ARG A 239 5.65 10.98 -22.98
N GLY A 240 6.13 11.11 -21.75
CA GLY A 240 5.76 10.20 -20.69
C GLY A 240 4.66 10.72 -19.78
N LEU A 241 4.29 11.98 -19.94
CA LEU A 241 3.17 12.52 -19.18
C LEU A 241 1.85 12.06 -19.81
N PRO A 242 0.83 11.80 -19.00
CA PRO A 242 -0.39 11.21 -19.54
C PRO A 242 -1.13 12.17 -20.46
N GLN A 243 -1.73 11.62 -21.50
CA GLN A 243 -2.51 12.39 -22.47
C GLN A 243 -3.86 11.70 -22.64
N LEU A 244 -4.94 12.41 -22.28
CA LEU A 244 -6.28 11.90 -22.56
C LEU A 244 -6.48 11.70 -24.05
N GLY A 245 -5.90 12.60 -24.85
CA GLY A 245 -5.79 12.35 -26.27
C GLY A 245 -4.69 11.34 -26.59
N THR A 246 -4.76 10.83 -27.81
CA THR A 246 -3.84 9.82 -28.34
C THR A 246 -3.81 8.55 -27.50
N LEU A 247 -4.87 8.28 -26.74
CA LEU A 247 -5.02 6.97 -26.15
C LEU A 247 -5.34 5.95 -27.24
N GLY A 248 -4.96 4.70 -26.99
CA GLY A 248 -4.95 3.70 -28.02
C GLY A 248 -3.63 3.52 -28.74
N ALA A 249 -2.52 3.97 -28.13
CA ALA A 249 -1.21 3.79 -28.75
C ALA A 249 -0.68 2.37 -28.63
N GLY A 250 -1.30 1.55 -27.77
CA GLY A 250 -0.90 0.17 -27.62
C GLY A 250 0.16 -0.09 -26.57
N ASN A 251 0.49 0.90 -25.75
CA ASN A 251 1.54 0.71 -24.75
C ASN A 251 1.07 -0.08 -23.54
N HIS A 252 -0.24 -0.21 -23.34
CA HIS A 252 -0.81 -1.03 -22.28
C HIS A 252 -1.24 -2.36 -22.85
N TYR A 253 -0.74 -3.45 -22.26
CA TYR A 253 -1.16 -4.78 -22.65
C TYR A 253 -1.35 -5.61 -21.39
N ALA A 254 -2.48 -6.28 -21.29
CA ALA A 254 -2.79 -7.13 -20.15
C ALA A 254 -3.50 -8.38 -20.61
N GLU A 255 -3.43 -9.42 -19.79
CA GLU A 255 -3.91 -10.74 -20.17
C GLU A 255 -4.34 -11.48 -18.92
N ILE A 256 -5.63 -11.82 -18.84
CA ILE A 256 -6.12 -12.69 -17.78
C ILE A 256 -5.86 -14.13 -18.21
N GLN A 257 -5.06 -14.85 -17.43
CA GLN A 257 -4.54 -16.14 -17.84
C GLN A 257 -4.96 -17.23 -16.87
N VAL A 258 -4.88 -18.47 -17.36
CA VAL A 258 -5.19 -19.66 -16.58
C VAL A 258 -3.99 -20.60 -16.67
N VAL A 259 -3.56 -21.12 -15.52
CA VAL A 259 -2.46 -22.07 -15.47
C VAL A 259 -2.85 -23.32 -16.23
N ASP A 260 -2.20 -23.56 -17.36
CA ASP A 260 -2.57 -24.67 -18.24
C ASP A 260 -1.69 -25.90 -18.06
N GLU A 261 -0.49 -25.73 -17.49
CA GLU A 261 0.45 -26.84 -17.36
C GLU A 261 1.52 -26.45 -16.34
N ILE A 262 1.93 -27.41 -15.52
CA ILE A 262 2.94 -27.20 -14.48
C ILE A 262 4.04 -28.22 -14.71
N PHE A 263 5.19 -27.77 -15.23
CA PHE A 263 6.31 -28.66 -15.45
C PHE A 263 7.16 -28.86 -14.20
N ASN A 264 7.13 -27.91 -13.27
CA ASN A 264 7.86 -28.01 -12.01
C ASN A 264 6.91 -27.61 -10.89
N GLU A 265 6.46 -28.59 -10.11
CA GLU A 265 5.47 -28.31 -9.07
C GLU A 265 6.09 -27.52 -7.92
N TYR A 266 7.36 -27.80 -7.61
CA TYR A 266 7.99 -27.12 -6.48
C TYR A 266 8.30 -25.67 -6.82
N ALA A 267 8.78 -25.40 -8.03
CA ALA A 267 8.95 -24.03 -8.48
C ALA A 267 7.61 -23.30 -8.52
N ALA A 268 6.55 -23.99 -8.95
CA ALA A 268 5.23 -23.38 -8.96
C ALA A 268 4.73 -23.12 -7.55
N LYS A 269 5.00 -24.04 -6.62
CA LYS A 269 4.57 -23.85 -5.25
C LYS A 269 5.25 -22.65 -4.61
N LYS A 270 6.55 -22.47 -4.87
CA LYS A 270 7.26 -21.31 -4.33
C LYS A 270 6.76 -20.00 -4.93
N MET A 271 6.11 -20.05 -6.08
CA MET A 271 5.47 -18.87 -6.66
C MET A 271 4.02 -18.73 -6.26
N GLY A 272 3.49 -19.62 -5.42
CA GLY A 272 2.10 -19.58 -5.04
C GLY A 272 1.16 -20.23 -6.04
N ILE A 273 1.68 -20.90 -7.06
CA ILE A 273 0.85 -21.57 -8.07
C ILE A 273 0.57 -22.97 -7.53
N ASP A 274 -0.63 -23.17 -6.99
CA ASP A 274 -0.95 -24.40 -6.27
C ASP A 274 -1.50 -25.50 -7.17
N HIS A 275 -2.14 -25.16 -8.28
CA HIS A 275 -2.69 -26.19 -9.14
C HIS A 275 -3.03 -25.61 -10.51
N LYS A 276 -3.23 -26.51 -11.46
CA LYS A 276 -3.69 -26.15 -12.79
C LYS A 276 -5.08 -25.55 -12.74
N GLY A 277 -5.35 -24.57 -13.60
CA GLY A 277 -6.62 -23.89 -13.62
C GLY A 277 -6.66 -22.63 -12.77
N GLN A 278 -5.59 -22.33 -12.04
CA GLN A 278 -5.52 -21.12 -11.24
C GLN A 278 -5.39 -19.90 -12.14
N VAL A 279 -6.01 -18.80 -11.75
CA VAL A 279 -6.05 -17.60 -12.55
C VAL A 279 -4.88 -16.70 -12.22
N CYS A 280 -4.24 -16.16 -13.25
CA CYS A 280 -3.18 -15.18 -13.12
C CYS A 280 -3.44 -14.05 -14.12
N VAL A 281 -2.79 -12.91 -13.87
CA VAL A 281 -2.87 -11.76 -14.76
C VAL A 281 -1.45 -11.36 -15.15
N MET A 282 -1.23 -11.14 -16.44
CA MET A 282 0.07 -10.77 -16.99
C MET A 282 0.00 -9.35 -17.50
N ILE A 283 1.00 -8.55 -17.15
CA ILE A 283 1.05 -7.13 -17.50
C ILE A 283 2.29 -6.89 -18.34
N HIS A 284 2.13 -6.15 -19.44
CA HIS A 284 3.19 -5.90 -20.40
C HIS A 284 3.18 -4.42 -20.75
N SER A 285 4.24 -3.71 -20.38
CA SER A 285 4.32 -2.27 -20.65
C SER A 285 5.79 -1.86 -20.59
N GLY A 286 6.03 -0.61 -20.96
CA GLY A 286 7.38 -0.06 -21.01
C GLY A 286 7.38 1.41 -20.69
N SER A 287 8.32 2.15 -21.29
CA SER A 287 8.48 3.58 -21.05
C SER A 287 7.73 4.44 -22.05
N ARG A 288 6.93 3.83 -22.94
CA ARG A 288 6.15 4.52 -23.98
C ARG A 288 7.10 5.41 -24.79
N GLY A 289 6.78 6.68 -25.02
CA GLY A 289 7.62 7.54 -25.82
C GLY A 289 8.79 8.15 -25.07
N LEU A 290 8.76 8.12 -23.74
CA LEU A 290 9.88 8.66 -22.97
C LEU A 290 11.15 7.87 -23.26
N GLY A 291 11.06 6.54 -23.25
CA GLY A 291 12.22 5.73 -23.59
C GLY A 291 12.61 5.85 -25.04
N HIS A 292 11.62 5.87 -25.95
CA HIS A 292 11.90 6.10 -27.36
C HIS A 292 12.68 7.40 -27.55
N GLN A 293 12.32 8.44 -26.80
CA GLN A 293 13.01 9.72 -26.95
C GLN A 293 14.38 9.69 -26.29
N VAL A 294 14.49 9.08 -25.11
CA VAL A 294 15.78 8.97 -24.43
C VAL A 294 16.77 8.20 -25.30
N ALA A 295 16.29 7.13 -25.95
CA ALA A 295 17.17 6.36 -26.83
C ALA A 295 17.54 7.16 -28.07
N THR A 296 16.63 7.98 -28.58
CA THR A 296 16.89 8.73 -29.79
C THR A 296 17.86 9.88 -29.56
N ASP A 297 17.66 10.63 -28.47
CA ASP A 297 18.58 11.73 -28.16
C ASP A 297 19.99 11.21 -27.96
N ALA A 298 20.12 10.05 -27.31
CA ALA A 298 21.45 9.47 -27.12
C ALA A 298 22.08 9.10 -28.44
N LEU A 299 21.31 8.46 -29.32
CA LEU A 299 21.85 8.05 -30.63
C LEU A 299 22.38 9.25 -31.40
N VAL A 300 21.68 10.39 -31.32
CA VAL A 300 22.13 11.58 -32.02
C VAL A 300 23.42 12.12 -31.41
N ALA A 301 23.44 12.27 -30.09
CA ALA A 301 24.65 12.78 -29.43
C ALA A 301 25.83 11.84 -29.59
N MET A 302 25.57 10.53 -29.65
CA MET A 302 26.67 9.58 -29.84
C MET A 302 27.22 9.65 -31.25
N GLU A 303 26.35 9.80 -32.25
CA GLU A 303 26.82 9.95 -33.63
C GLU A 303 27.80 11.11 -33.75
N LYS A 304 27.55 12.21 -33.03
CA LYS A 304 28.39 13.39 -33.14
C LYS A 304 29.69 13.28 -32.36
N ALA A 305 29.78 12.32 -31.43
CA ALA A 305 30.96 12.16 -30.59
C ALA A 305 31.73 10.88 -30.86
N MET A 306 31.22 9.98 -31.70
CA MET A 306 31.98 8.78 -32.03
C MET A 306 33.31 9.13 -32.68
N LYS A 307 33.38 10.24 -33.40
CA LYS A 307 34.65 10.67 -34.01
C LYS A 307 35.65 11.09 -32.95
N ARG A 308 35.20 11.88 -31.97
CA ARG A 308 36.11 12.40 -30.94
C ARG A 308 36.79 11.28 -30.19
N ASP A 309 36.13 10.14 -30.02
CA ASP A 309 36.70 8.99 -29.33
C ASP A 309 37.13 7.89 -30.29
N LYS A 310 36.96 8.11 -31.60
CA LYS A 310 37.47 7.21 -32.64
C LYS A 310 36.94 5.79 -32.46
N ILE A 311 35.61 5.67 -32.50
CA ILE A 311 34.92 4.40 -32.42
C ILE A 311 34.49 4.00 -33.82
N ILE A 312 34.78 2.75 -34.19
CA ILE A 312 34.52 2.24 -35.54
C ILE A 312 33.48 1.13 -35.44
N VAL A 313 32.40 1.27 -36.20
CA VAL A 313 31.33 0.29 -36.23
C VAL A 313 31.01 -0.04 -37.68
N ASN A 314 30.42 -1.22 -37.88
CA ASN A 314 30.00 -1.64 -39.21
C ASN A 314 28.62 -1.10 -39.57
N ASP A 315 27.79 -0.79 -38.58
CA ASP A 315 26.42 -0.35 -38.78
C ASP A 315 26.23 0.99 -38.10
N ARG A 316 25.73 1.98 -38.84
CA ARG A 316 25.43 3.27 -38.24
C ARG A 316 24.39 3.15 -37.12
N GLN A 317 23.54 2.13 -37.17
CA GLN A 317 22.58 1.86 -36.11
C GLN A 317 23.24 1.23 -34.88
N LEU A 318 24.48 0.76 -34.99
CA LEU A 318 25.27 0.40 -33.83
C LEU A 318 25.92 1.61 -33.18
N ALA A 319 25.39 2.81 -33.44
CA ALA A 319 25.92 4.04 -32.85
C ALA A 319 26.02 3.92 -31.35
N CYS A 320 27.22 4.17 -30.82
CA CYS A 320 27.51 3.95 -29.42
C CYS A 320 28.49 5.01 -28.92
N ALA A 321 28.51 5.18 -27.60
CA ALA A 321 29.49 6.02 -26.93
C ALA A 321 30.26 5.16 -25.95
N ARG A 322 31.48 5.59 -25.64
CA ARG A 322 32.25 4.91 -24.62
C ARG A 322 31.57 5.09 -23.26
N ILE A 323 31.71 4.08 -22.41
CA ILE A 323 31.12 4.15 -21.08
C ILE A 323 31.72 5.31 -20.29
N ALA A 324 33.01 5.57 -20.49
CA ALA A 324 33.67 6.69 -19.82
C ALA A 324 33.31 8.04 -20.45
N SER A 325 32.72 8.03 -21.64
CA SER A 325 32.39 9.28 -22.31
C SER A 325 31.32 10.05 -21.53
N PRO A 326 31.28 11.37 -21.66
CA PRO A 326 30.11 12.11 -21.13
C PRO A 326 28.80 11.65 -21.77
N GLU A 327 28.83 11.33 -23.07
CA GLU A 327 27.61 10.88 -23.74
C GLU A 327 27.25 9.47 -23.32
N GLY A 328 28.24 8.63 -23.00
CA GLY A 328 27.94 7.31 -22.47
C GLY A 328 27.41 7.36 -21.05
N GLN A 329 27.98 8.24 -20.23
CA GLN A 329 27.47 8.39 -18.87
C GLN A 329 26.07 8.97 -18.87
N ASP A 330 25.79 9.92 -19.76
CA ASP A 330 24.46 10.53 -19.79
C ASP A 330 23.40 9.52 -20.20
N TYR A 331 23.71 8.64 -21.15
CA TYR A 331 22.69 7.70 -21.62
C TYR A 331 22.31 6.71 -20.52
N LEU A 332 23.30 6.12 -19.86
CA LEU A 332 23.02 5.12 -18.82
C LEU A 332 22.20 5.72 -17.70
N LYS A 333 22.53 6.95 -17.29
CA LYS A 333 21.73 7.62 -16.26
C LYS A 333 20.32 7.92 -16.78
N GLY A 334 20.19 8.29 -18.05
CA GLY A 334 18.86 8.50 -18.62
C GLY A 334 18.15 7.19 -18.89
N MET A 335 18.90 6.16 -19.30
CA MET A 335 18.33 4.83 -19.50
C MET A 335 17.77 4.27 -18.20
N ALA A 336 18.54 4.38 -17.11
CA ALA A 336 18.03 3.96 -15.82
C ALA A 336 16.78 4.73 -15.43
N ALA A 337 16.72 6.02 -15.78
CA ALA A 337 15.56 6.83 -15.43
C ALA A 337 14.31 6.35 -16.16
N ALA A 338 14.45 6.03 -17.46
CA ALA A 338 13.31 5.51 -18.21
C ALA A 338 12.88 4.15 -17.68
N GLY A 339 13.84 3.31 -17.30
CA GLY A 339 13.50 2.03 -16.69
C GLY A 339 12.68 2.20 -15.44
N ASN A 340 13.04 3.18 -14.61
CA ASN A 340 12.22 3.50 -13.43
C ASN A 340 10.81 3.89 -13.84
N TYR A 341 10.69 4.71 -14.89
CA TYR A 341 9.38 5.11 -15.37
C TYR A 341 8.56 3.91 -15.83
N ALA A 342 9.21 2.94 -16.47
CA ALA A 342 8.51 1.74 -16.93
C ALA A 342 7.96 0.93 -15.76
N TRP A 343 8.73 0.85 -14.66
CA TRP A 343 8.23 0.12 -13.49
C TRP A 343 7.05 0.84 -12.85
N VAL A 344 7.07 2.18 -12.86
CA VAL A 344 5.94 2.94 -12.35
C VAL A 344 4.69 2.67 -13.17
N ASN A 345 4.85 2.54 -14.48
CA ASN A 345 3.69 2.29 -15.35
C ASN A 345 3.11 0.91 -15.10
N ARG A 346 3.97 -0.09 -14.87
CA ARG A 346 3.48 -1.43 -14.58
C ARG A 346 2.92 -1.54 -13.17
N SER A 347 3.45 -0.77 -12.22
CA SER A 347 2.85 -0.74 -10.89
C SER A 347 1.47 -0.11 -10.93
N SER A 348 1.28 0.92 -11.75
CA SER A 348 -0.03 1.54 -11.86
C SER A 348 -1.02 0.60 -12.54
N MET A 349 -0.55 -0.18 -13.52
CA MET A 349 -1.41 -1.19 -14.11
C MET A 349 -1.74 -2.28 -13.10
N THR A 350 -0.77 -2.64 -12.26
CA THR A 350 -1.05 -3.56 -11.16
C THR A 350 -2.10 -2.99 -10.23
N PHE A 351 -1.95 -1.71 -9.86
CA PHE A 351 -2.92 -1.06 -8.99
C PHE A 351 -4.30 -1.06 -9.62
N LEU A 352 -4.40 -0.78 -10.92
CA LEU A 352 -5.69 -0.77 -11.59
C LEU A 352 -6.22 -2.18 -11.81
N THR A 353 -5.33 -3.15 -12.08
CA THR A 353 -5.77 -4.54 -12.15
C THR A 353 -6.30 -5.00 -10.81
N ARG A 354 -5.61 -4.66 -9.72
CA ARG A 354 -6.09 -5.00 -8.38
C ARG A 354 -7.44 -4.35 -8.11
N GLN A 355 -7.63 -3.12 -8.58
CA GLN A 355 -8.91 -2.44 -8.37
C GLN A 355 -10.00 -3.06 -9.22
N ALA A 356 -9.68 -3.45 -10.46
CA ALA A 356 -10.66 -4.10 -11.32
C ALA A 356 -11.14 -5.41 -10.71
N PHE A 357 -10.21 -6.24 -10.24
CA PHE A 357 -10.58 -7.49 -9.60
C PHE A 357 -11.33 -7.26 -8.30
N ALA A 358 -10.99 -6.20 -7.56
CA ALA A 358 -11.64 -5.97 -6.28
C ALA A 358 -13.12 -5.61 -6.48
N LYS A 359 -13.45 -4.93 -7.57
CA LYS A 359 -14.83 -4.47 -7.74
C LYS A 359 -15.73 -5.55 -8.30
N VAL A 360 -15.22 -6.33 -9.27
CA VAL A 360 -16.04 -7.37 -9.87
C VAL A 360 -16.42 -8.42 -8.84
N PHE A 361 -15.47 -8.85 -8.02
CA PHE A 361 -15.73 -9.85 -7.01
C PHE A 361 -16.09 -9.26 -5.66
N ASN A 362 -16.12 -7.93 -5.56
CA ASN A 362 -16.67 -7.22 -4.40
C ASN A 362 -15.94 -7.59 -3.11
N THR A 363 -14.62 -7.44 -3.13
CA THR A 363 -13.81 -7.69 -1.94
C THR A 363 -12.63 -6.73 -1.95
N THR A 364 -11.57 -7.08 -1.16
CA THR A 364 -10.34 -6.30 -1.15
C THR A 364 -9.26 -6.99 -1.97
N PRO A 365 -8.32 -6.24 -2.55
CA PRO A 365 -7.31 -6.88 -3.41
C PRO A 365 -6.47 -7.91 -2.69
N ASP A 366 -6.12 -7.69 -1.41
CA ASP A 366 -5.29 -8.64 -0.70
C ASP A 366 -6.04 -9.95 -0.45
N ASP A 367 -7.36 -9.86 -0.24
CA ASP A 367 -8.15 -11.07 -0.03
C ASP A 367 -8.29 -11.91 -1.28
N LEU A 368 -7.83 -11.42 -2.43
CA LEU A 368 -7.75 -12.22 -3.64
C LEU A 368 -6.35 -12.73 -3.92
N ASP A 369 -5.41 -12.49 -3.00
CA ASP A 369 -4.02 -12.94 -3.13
C ASP A 369 -3.38 -12.40 -4.41
N LEU A 370 -3.56 -11.11 -4.66
CA LEU A 370 -3.10 -10.49 -5.90
C LEU A 370 -1.66 -9.97 -5.75
N HIS A 371 -0.76 -10.87 -5.40
CA HIS A 371 0.64 -10.52 -5.20
C HIS A 371 1.43 -10.69 -6.48
N VAL A 372 2.50 -9.90 -6.59
CA VAL A 372 3.40 -10.02 -7.74
C VAL A 372 4.20 -11.30 -7.60
N ILE A 373 4.12 -12.17 -8.61
CA ILE A 373 5.00 -13.33 -8.66
C ILE A 373 6.42 -12.90 -9.02
N TYR A 374 6.57 -12.21 -10.16
CA TYR A 374 7.85 -11.61 -10.50
C TYR A 374 7.64 -10.53 -11.57
N ASP A 375 8.72 -9.82 -11.84
CA ASP A 375 8.72 -8.73 -12.81
C ASP A 375 10.11 -8.67 -13.43
N VAL A 376 10.20 -8.94 -14.73
CA VAL A 376 11.46 -8.90 -15.45
C VAL A 376 11.39 -7.82 -16.53
N SER A 377 12.57 -7.35 -16.91
CA SER A 377 12.75 -6.47 -18.05
C SER A 377 13.26 -7.29 -19.24
N HIS A 378 13.08 -6.74 -20.44
CA HIS A 378 13.77 -7.28 -21.61
C HIS A 378 14.15 -6.20 -22.60
N ASN A 379 14.47 -4.99 -22.11
CA ASN A 379 14.97 -3.87 -22.90
C ASN A 379 15.77 -2.96 -21.96
N ILE A 380 16.92 -3.46 -21.49
CA ILE A 380 17.69 -2.76 -20.46
C ILE A 380 19.14 -3.23 -20.51
N ALA A 381 20.04 -2.38 -20.03
CA ALA A 381 21.43 -2.71 -19.81
C ALA A 381 21.72 -2.67 -18.32
N LYS A 382 22.34 -3.73 -17.81
CA LYS A 382 22.53 -3.93 -16.38
C LYS A 382 24.02 -4.11 -16.08
N VAL A 383 24.44 -3.58 -14.94
CA VAL A 383 25.79 -3.76 -14.43
C VAL A 383 25.78 -4.97 -13.51
N GLU A 384 26.50 -6.02 -13.89
CA GLU A 384 26.44 -7.29 -13.18
C GLU A 384 27.82 -7.89 -13.03
N GLN A 385 27.99 -8.66 -11.95
CA GLN A 385 29.22 -9.41 -11.72
C GLN A 385 29.13 -10.76 -12.43
N HIS A 386 30.13 -11.06 -13.25
CA HIS A 386 30.21 -12.31 -13.98
C HIS A 386 31.66 -12.78 -14.04
N VAL A 387 31.84 -14.08 -14.13
CA VAL A 387 33.16 -14.70 -14.20
C VAL A 387 33.49 -14.93 -15.67
N VAL A 388 34.58 -14.33 -16.13
CA VAL A 388 35.01 -14.43 -17.52
C VAL A 388 36.41 -15.04 -17.51
N ASP A 389 36.53 -16.26 -18.04
CA ASP A 389 37.79 -17.00 -18.07
C ASP A 389 38.41 -17.09 -16.68
N GLY A 390 37.60 -17.46 -15.70
CA GLY A 390 38.06 -17.64 -14.34
C GLY A 390 38.29 -16.36 -13.56
N LYS A 391 38.04 -15.20 -14.15
CA LYS A 391 38.27 -13.92 -13.49
C LYS A 391 36.95 -13.20 -13.31
N GLU A 392 36.65 -12.82 -12.07
CA GLU A 392 35.46 -12.03 -11.78
C GLU A 392 35.61 -10.65 -12.41
N ARG A 393 34.62 -10.27 -13.21
CA ARG A 393 34.63 -9.00 -13.91
C ARG A 393 33.27 -8.31 -13.76
N THR A 394 33.29 -6.99 -13.86
CA THR A 394 32.08 -6.17 -13.83
C THR A 394 31.69 -5.83 -15.26
N LEU A 395 30.54 -6.34 -15.69
CA LEU A 395 30.12 -6.28 -17.08
C LEU A 395 28.89 -5.43 -17.26
N LEU A 396 28.87 -4.64 -18.33
CA LEU A 396 27.67 -3.94 -18.77
C LEU A 396 26.95 -4.86 -19.74
N VAL A 397 25.87 -5.48 -19.29
CA VAL A 397 25.17 -6.50 -20.05
C VAL A 397 24.03 -5.86 -20.82
N HIS A 398 24.12 -5.88 -22.15
CA HIS A 398 23.06 -5.40 -23.02
C HIS A 398 22.06 -6.52 -23.27
N ARG A 399 20.78 -6.24 -23.01
CA ARG A 399 19.70 -7.21 -23.24
C ARG A 399 18.53 -6.49 -23.91
N LYS A 400 18.51 -6.50 -25.23
CA LYS A 400 17.36 -6.04 -26.01
C LYS A 400 16.61 -7.26 -26.51
N GLY A 401 15.36 -7.42 -26.07
CA GLY A 401 14.60 -8.61 -26.40
C GLY A 401 15.12 -9.85 -25.73
N SER A 402 15.81 -9.72 -24.61
CA SER A 402 16.30 -10.85 -23.85
C SER A 402 16.01 -10.61 -22.36
N THR A 403 15.84 -11.70 -21.63
CA THR A 403 15.46 -11.65 -20.22
C THR A 403 16.63 -12.10 -19.35
N ARG A 404 16.87 -11.37 -18.27
CA ARG A 404 17.81 -11.82 -17.25
C ARG A 404 17.24 -13.04 -16.56
N ALA A 405 18.12 -14.03 -16.29
CA ALA A 405 17.69 -15.31 -15.71
C ALA A 405 18.78 -15.79 -14.75
N PHE A 406 18.81 -15.18 -13.57
CA PHE A 406 19.83 -15.52 -12.58
C PHE A 406 19.63 -16.94 -12.06
N PRO A 407 20.70 -17.61 -11.67
CA PRO A 407 20.60 -19.01 -11.27
C PRO A 407 20.12 -19.14 -9.83
N PRO A 408 19.86 -20.37 -9.36
CA PRO A 408 19.61 -20.57 -7.94
C PRO A 408 20.80 -20.12 -7.10
N HIS A 409 20.49 -19.59 -5.91
CA HIS A 409 21.46 -19.17 -4.91
C HIS A 409 22.28 -17.96 -5.34
N HIS A 410 21.79 -17.19 -6.31
CA HIS A 410 22.38 -15.90 -6.55
C HIS A 410 22.08 -15.00 -5.36
N PRO A 411 23.09 -14.37 -4.75
CA PRO A 411 22.85 -13.67 -3.48
C PRO A 411 21.94 -12.45 -3.61
N LEU A 412 21.68 -11.97 -4.82
CA LEU A 412 20.93 -10.74 -5.02
C LEU A 412 19.53 -10.96 -5.61
N ILE A 413 19.08 -12.20 -5.70
CA ILE A 413 17.70 -12.47 -6.07
C ILE A 413 16.89 -12.70 -4.80
N ALA A 414 15.57 -12.70 -4.94
CA ALA A 414 14.68 -12.79 -3.78
C ALA A 414 14.93 -14.08 -3.02
N VAL A 415 14.76 -14.01 -1.70
CA VAL A 415 14.91 -15.19 -0.84
C VAL A 415 13.90 -16.26 -1.21
N ASP A 416 12.71 -15.86 -1.68
CA ASP A 416 11.70 -16.84 -2.06
C ASP A 416 12.16 -17.69 -3.24
N TYR A 417 13.06 -17.16 -4.07
CA TYR A 417 13.50 -17.83 -5.29
C TYR A 417 14.96 -18.28 -5.22
N GLN A 418 15.52 -18.35 -4.01
CA GLN A 418 16.91 -18.78 -3.86
C GLN A 418 17.13 -20.24 -4.25
N LEU A 419 16.09 -21.07 -4.18
CA LEU A 419 16.20 -22.48 -4.55
C LEU A 419 15.59 -22.81 -5.89
N THR A 420 14.70 -21.97 -6.41
CA THR A 420 14.08 -22.22 -7.69
C THR A 420 14.83 -21.59 -8.85
N GLY A 421 15.67 -20.59 -8.58
CA GLY A 421 16.15 -19.73 -9.63
C GLY A 421 15.16 -18.63 -9.94
N GLN A 422 15.67 -17.60 -10.60
CA GLN A 422 14.85 -16.42 -10.83
C GLN A 422 13.73 -16.71 -11.83
N PRO A 423 12.48 -16.40 -11.50
CA PRO A 423 11.40 -16.62 -12.46
C PRO A 423 11.60 -15.80 -13.72
N VAL A 424 11.31 -16.41 -14.86
CA VAL A 424 11.39 -15.73 -16.14
C VAL A 424 10.02 -15.77 -16.80
N LEU A 425 9.49 -14.60 -17.14
CA LEU A 425 8.18 -14.48 -17.76
C LEU A 425 8.31 -14.29 -19.26
N ILE A 426 7.55 -15.09 -20.01
CA ILE A 426 7.64 -15.13 -21.47
C ILE A 426 6.35 -14.54 -22.02
N GLY A 427 6.47 -13.49 -22.83
CA GLY A 427 5.30 -12.80 -23.32
C GLY A 427 4.55 -13.61 -24.37
N GLY A 428 3.23 -13.65 -24.25
CA GLY A 428 2.38 -14.34 -25.19
C GLY A 428 1.47 -13.35 -25.90
N THR A 429 1.50 -13.39 -27.22
CA THR A 429 0.66 -12.53 -28.03
C THR A 429 -0.79 -13.01 -27.97
N MET A 430 -1.65 -12.34 -28.73
CA MET A 430 -3.07 -12.62 -28.71
C MET A 430 -3.36 -14.04 -29.14
N GLY A 431 -3.95 -14.83 -28.24
CA GLY A 431 -4.25 -16.22 -28.49
C GLY A 431 -3.07 -17.16 -28.32
N THR A 432 -1.93 -16.66 -27.87
CA THR A 432 -0.71 -17.46 -27.74
C THR A 432 -0.43 -17.75 -26.27
N CYS A 433 0.09 -18.96 -26.01
CA CYS A 433 0.43 -19.34 -24.65
C CYS A 433 1.58 -18.50 -24.11
N SER A 434 1.65 -18.41 -22.79
CA SER A 434 2.75 -17.75 -22.10
C SER A 434 3.42 -18.76 -21.17
N TYR A 435 4.67 -18.49 -20.84
CA TYR A 435 5.47 -19.43 -20.07
C TYR A 435 6.14 -18.73 -18.90
N VAL A 436 6.31 -19.46 -17.81
CA VAL A 436 7.14 -19.03 -16.68
C VAL A 436 8.35 -19.95 -16.62
N LEU A 437 9.54 -19.38 -16.68
CA LEU A 437 10.78 -20.13 -16.69
C LEU A 437 11.55 -19.84 -15.41
N THR A 438 12.61 -20.61 -15.18
CA THR A 438 13.51 -20.41 -14.05
C THR A 438 14.94 -20.36 -14.53
N GLY A 439 15.75 -19.55 -13.84
CA GLY A 439 17.15 -19.44 -14.16
C GLY A 439 17.93 -20.68 -13.76
N THR A 440 19.11 -20.82 -14.35
CA THR A 440 19.92 -22.00 -14.16
C THR A 440 21.39 -21.61 -14.02
N GLU A 441 22.16 -22.50 -13.38
CA GLU A 441 23.58 -22.26 -13.26
C GLU A 441 24.26 -22.35 -14.62
N GLN A 442 23.74 -23.18 -15.52
CA GLN A 442 24.31 -23.30 -16.85
C GLN A 442 24.11 -22.03 -17.66
N GLY A 443 22.97 -21.36 -17.47
CA GLY A 443 22.72 -20.11 -18.18
C GLY A 443 23.60 -18.98 -17.70
N MET A 444 23.92 -18.96 -16.41
CA MET A 444 24.87 -17.99 -15.89
C MET A 444 26.24 -18.21 -16.49
N THR A 445 26.60 -19.47 -16.75
CA THR A 445 27.93 -19.79 -17.26
C THR A 445 28.03 -19.52 -18.76
N GLU A 446 27.00 -19.88 -19.53
CA GLU A 446 27.05 -19.78 -20.98
C GLU A 446 26.55 -18.45 -21.52
N THR A 447 25.45 -17.93 -20.98
CA THR A 447 24.83 -16.73 -21.54
C THR A 447 24.83 -15.57 -20.55
N PHE A 448 25.70 -15.60 -19.54
CA PHE A 448 25.75 -14.57 -18.51
C PHE A 448 24.39 -14.38 -17.85
N GLY A 449 23.67 -15.49 -17.68
CA GLY A 449 22.35 -15.43 -17.06
C GLY A 449 21.30 -14.78 -17.93
N THR A 450 21.26 -15.13 -19.21
CA THR A 450 20.34 -14.55 -20.18
C THR A 450 19.53 -15.65 -20.84
N THR A 451 18.25 -15.39 -21.09
CA THR A 451 17.37 -16.34 -21.76
C THR A 451 16.42 -15.56 -22.67
N CYS A 452 15.50 -16.28 -23.30
CA CYS A 452 14.61 -15.68 -24.29
C CYS A 452 13.62 -14.73 -23.62
N HIS A 453 12.91 -13.98 -24.46
CA HIS A 453 11.85 -13.09 -23.99
C HIS A 453 10.48 -13.43 -24.56
N GLY A 454 10.41 -14.26 -25.59
CA GLY A 454 9.13 -14.60 -26.18
C GLY A 454 9.28 -15.18 -27.57
N ALA A 455 8.48 -14.68 -28.51
CA ALA A 455 8.50 -15.14 -29.89
C ALA A 455 9.28 -14.16 -30.76
N GLY A 456 9.79 -14.67 -31.88
CA GLY A 456 10.42 -13.83 -32.87
C GLY A 456 9.65 -13.78 -34.17
N ARG A 457 10.33 -13.30 -35.22
CA ARG A 457 9.76 -13.26 -36.56
C ARG A 457 10.79 -13.74 -37.59
N ALA A 458 10.25 -14.13 -38.74
CA ALA A 458 11.01 -14.56 -39.93
C ALA A 458 12.32 -15.25 -39.58
N GLN A 471 -11.47 -8.32 -37.91
CA GLN A 471 -12.60 -9.06 -37.39
C GLN A 471 -12.35 -10.57 -37.51
N ASP A 472 -11.55 -10.94 -38.50
CA ASP A 472 -11.17 -12.34 -38.66
C ASP A 472 -10.43 -12.86 -37.43
N VAL A 473 -9.51 -12.06 -36.89
CA VAL A 473 -8.84 -12.42 -35.66
C VAL A 473 -9.83 -12.37 -34.50
N LEU A 474 -10.80 -11.45 -34.56
CA LEU A 474 -11.76 -11.28 -33.48
C LEU A 474 -12.61 -12.52 -33.29
N ASP A 475 -13.16 -13.06 -34.39
CA ASP A 475 -14.02 -14.23 -34.26
C ASP A 475 -13.22 -15.49 -33.94
N LYS A 476 -11.96 -15.54 -34.37
CA LYS A 476 -11.09 -16.65 -34.00
C LYS A 476 -10.86 -16.67 -32.49
N LEU A 477 -10.53 -15.51 -31.92
CA LEU A 477 -10.30 -15.44 -30.47
C LEU A 477 -11.58 -15.74 -29.69
N ALA A 478 -12.71 -15.20 -30.15
CA ALA A 478 -13.97 -15.49 -29.48
C ALA A 478 -14.31 -16.98 -29.54
N ASP A 479 -14.08 -17.61 -30.70
CA ASP A 479 -14.32 -19.03 -30.82
C ASP A 479 -13.36 -19.83 -29.94
N MET A 480 -12.15 -19.32 -29.73
CA MET A 480 -11.23 -19.94 -28.78
C MET A 480 -11.70 -19.78 -27.34
N GLY A 481 -12.61 -18.85 -27.08
CA GLY A 481 -13.05 -18.57 -25.74
C GLY A 481 -12.33 -17.43 -25.04
N ILE A 482 -11.67 -16.56 -25.80
CA ILE A 482 -10.89 -15.46 -25.24
C ILE A 482 -11.68 -14.16 -25.41
N ALA A 483 -12.05 -13.56 -24.29
CA ALA A 483 -12.62 -12.22 -24.33
C ALA A 483 -11.52 -11.21 -24.67
N ILE A 484 -11.86 -10.21 -25.46
CA ILE A 484 -10.87 -9.27 -25.98
C ILE A 484 -11.44 -7.86 -25.96
N ARG A 485 -10.71 -6.94 -25.35
CA ARG A 485 -11.00 -5.50 -25.37
C ARG A 485 -9.77 -4.80 -25.96
N VAL A 486 -9.89 -4.36 -27.22
CA VAL A 486 -8.81 -3.67 -27.91
C VAL A 486 -9.33 -2.31 -28.37
N ALA A 487 -8.51 -1.28 -28.18
CA ALA A 487 -8.95 0.09 -28.46
C ALA A 487 -9.13 0.32 -29.96
N SER A 488 -8.13 -0.06 -30.76
CA SER A 488 -8.16 0.21 -32.19
C SER A 488 -7.87 -1.07 -32.97
N PRO A 489 -8.55 -1.27 -34.11
CA PRO A 489 -8.38 -2.51 -34.86
C PRO A 489 -7.01 -2.70 -35.49
N LYS A 490 -6.18 -1.65 -35.51
CA LYS A 490 -4.80 -1.80 -35.95
C LYS A 490 -4.05 -2.83 -35.11
N LEU A 491 -4.48 -3.05 -33.88
CA LEU A 491 -3.81 -3.97 -32.95
C LEU A 491 -4.43 -5.37 -32.98
N TYR A 500 6.50 -17.23 -38.12
CA TYR A 500 7.11 -16.73 -36.89
C TYR A 500 7.83 -17.83 -36.11
N LYS A 501 8.76 -17.42 -35.25
CA LYS A 501 9.37 -18.34 -34.30
C LYS A 501 8.38 -18.59 -33.18
N ASN A 502 7.85 -19.81 -33.10
CA ASN A 502 6.86 -20.15 -32.10
C ASN A 502 7.45 -20.04 -30.70
N VAL A 503 6.68 -19.43 -29.79
CA VAL A 503 7.13 -19.30 -28.40
C VAL A 503 7.43 -20.67 -27.81
N THR A 504 6.67 -21.69 -28.22
CA THR A 504 6.89 -23.04 -27.70
C THR A 504 8.23 -23.58 -28.17
N ASP A 505 8.55 -23.41 -29.45
CA ASP A 505 9.85 -23.82 -29.96
C ASP A 505 10.97 -23.06 -29.27
N VAL A 506 10.75 -21.78 -28.98
CA VAL A 506 11.81 -20.97 -28.37
C VAL A 506 12.09 -21.45 -26.96
N VAL A 507 11.04 -21.61 -26.14
CA VAL A 507 11.26 -22.01 -24.75
C VAL A 507 11.76 -23.44 -24.67
N ASN A 508 11.35 -24.30 -25.60
CA ASN A 508 11.85 -25.67 -25.60
C ASN A 508 13.31 -25.71 -26.00
N THR A 509 13.73 -24.83 -26.92
CA THR A 509 15.14 -24.74 -27.27
C THR A 509 15.97 -24.30 -26.07
N CYS A 510 15.51 -23.27 -25.35
CA CYS A 510 16.22 -22.82 -24.16
C CYS A 510 16.27 -23.92 -23.09
N HIS A 511 15.18 -24.66 -22.93
CA HIS A 511 15.15 -25.73 -21.95
C HIS A 511 16.13 -26.83 -22.32
N ASP A 512 16.22 -27.18 -23.61
CA ASP A 512 17.14 -28.24 -24.03
C ASP A 512 18.59 -27.80 -23.91
N ALA A 513 18.88 -26.55 -24.28
CA ALA A 513 20.23 -26.02 -24.11
C ALA A 513 20.62 -25.93 -22.64
N GLY A 514 19.66 -25.97 -21.74
CA GLY A 514 19.94 -25.82 -20.33
C GLY A 514 20.16 -24.40 -19.85
N ILE A 515 19.83 -23.39 -20.67
CA ILE A 515 19.98 -22.00 -20.23
C ILE A 515 18.71 -21.46 -19.60
N SER A 516 17.63 -22.22 -19.63
CA SER A 516 16.41 -21.91 -18.90
C SER A 516 15.70 -23.22 -18.62
N LYS A 517 14.74 -23.17 -17.71
CA LYS A 517 13.96 -24.35 -17.39
C LYS A 517 12.49 -24.00 -17.35
N LYS A 518 11.68 -24.79 -18.05
CA LYS A 518 10.24 -24.61 -18.11
C LYS A 518 9.61 -24.98 -16.78
N ALA A 519 8.69 -24.13 -16.32
CA ALA A 519 7.97 -24.33 -15.07
C ALA A 519 6.46 -24.28 -15.24
N ILE A 520 5.93 -23.27 -15.93
CA ILE A 520 4.49 -23.06 -16.03
C ILE A 520 4.14 -22.72 -17.47
N LYS A 521 2.97 -23.20 -17.92
CA LYS A 521 2.36 -22.75 -19.15
C LYS A 521 1.00 -22.11 -18.83
N LEU A 522 0.77 -20.93 -19.39
CA LEU A 522 -0.43 -20.15 -19.10
C LEU A 522 -1.23 -19.93 -20.38
N ARG A 523 -2.56 -20.00 -20.25
CA ARG A 523 -3.49 -19.84 -21.36
C ARG A 523 -4.36 -18.63 -21.13
N PRO A 524 -4.47 -17.74 -22.11
CA PRO A 524 -5.28 -16.53 -21.92
C PRO A 524 -6.78 -16.81 -22.04
N ILE A 525 -7.55 -16.13 -21.21
CA ILE A 525 -9.00 -16.10 -21.35
C ILE A 525 -9.55 -14.69 -21.55
N ALA A 526 -8.73 -13.66 -21.33
CA ALA A 526 -9.12 -12.28 -21.59
C ALA A 526 -7.88 -11.50 -21.98
N VAL A 527 -7.95 -10.77 -23.09
CA VAL A 527 -6.84 -9.96 -23.60
C VAL A 527 -7.31 -8.51 -23.65
N ILE A 528 -6.56 -7.64 -22.98
CA ILE A 528 -6.89 -6.21 -22.91
C ILE A 528 -5.69 -5.42 -23.42
N LYS A 529 -5.82 -4.87 -24.62
CA LYS A 529 -4.77 -4.08 -25.24
C LYS A 529 -5.35 -2.70 -25.59
N GLY A 530 -5.08 -1.71 -24.75
CA GLY A 530 -5.55 -0.35 -24.97
C GLY A 530 -4.42 0.65 -25.12
N GLU B 18 -38.36 24.49 31.79
CA GLU B 18 -37.71 23.44 31.02
C GLU B 18 -37.15 22.37 31.96
N ASN B 19 -36.76 22.78 33.16
CA ASN B 19 -36.20 21.84 34.13
C ASN B 19 -37.31 20.97 34.73
N LEU B 20 -37.07 19.65 34.75
CA LEU B 20 -38.06 18.72 35.26
C LEU B 20 -38.15 18.81 36.78
N TYR B 21 -39.37 18.74 37.31
CA TYR B 21 -39.57 18.89 38.74
C TYR B 21 -39.25 17.59 39.47
N PHE B 22 -38.24 17.63 40.33
CA PHE B 22 -37.95 16.55 41.26
C PHE B 22 -37.76 17.06 42.69
N GLN B 23 -38.28 18.25 42.99
CA GLN B 23 -38.13 18.90 44.30
C GLN B 23 -36.67 19.16 44.65
N GLY B 24 -35.79 19.26 43.65
CA GLY B 24 -34.40 19.52 43.92
C GLY B 24 -33.52 18.32 44.13
N ALA B 25 -33.99 17.12 43.77
CA ALA B 25 -33.14 15.94 43.85
C ALA B 25 -31.88 16.07 43.01
N MET B 26 -31.87 17.01 42.06
CA MET B 26 -30.74 17.20 41.17
C MET B 26 -29.69 18.17 41.72
N SER B 27 -30.07 19.04 42.67
CA SER B 27 -29.13 20.00 43.26
C SER B 27 -29.58 20.28 44.70
N ARG B 28 -29.24 19.36 45.61
CA ARG B 28 -29.53 19.52 47.02
C ARG B 28 -28.42 20.34 47.67
N SER B 29 -28.41 20.35 49.00
CA SER B 29 -27.28 20.93 49.74
C SER B 29 -26.14 19.92 49.80
N TYR B 30 -24.92 20.45 49.88
CA TYR B 30 -23.74 19.59 49.81
C TYR B 30 -23.78 18.48 50.87
N ASN B 31 -24.19 18.81 52.09
CA ASN B 31 -24.23 17.81 53.15
C ASN B 31 -25.32 16.77 52.90
N ASP B 32 -26.43 17.18 52.27
CA ASP B 32 -27.48 16.22 51.93
C ASP B 32 -27.04 15.31 50.79
N GLU B 33 -26.33 15.86 49.80
CA GLU B 33 -25.82 15.04 48.70
C GLU B 33 -24.81 14.01 49.22
N LEU B 34 -24.01 14.38 50.22
CA LEU B 34 -23.04 13.47 50.79
C LEU B 34 -23.68 12.26 51.46
N GLN B 35 -24.96 12.34 51.81
CA GLN B 35 -25.62 11.21 52.46
C GLN B 35 -25.74 10.02 51.53
N PHE B 36 -25.69 10.24 50.22
CA PHE B 36 -25.80 9.17 49.24
C PHE B 36 -24.44 8.76 48.67
N LEU B 37 -23.35 9.09 49.36
CA LEU B 37 -22.00 8.87 48.84
C LEU B 37 -21.18 8.09 49.86
N GLU B 38 -20.70 6.92 49.47
CA GLU B 38 -19.80 6.09 50.25
C GLU B 38 -18.55 5.81 49.44
N LYS B 39 -17.44 5.60 50.14
CA LYS B 39 -16.19 5.19 49.52
C LYS B 39 -15.96 3.70 49.76
N ILE B 40 -15.71 2.96 48.69
CA ILE B 40 -15.58 1.51 48.76
C ILE B 40 -14.15 1.09 49.07
N ASN B 41 -13.17 1.68 48.37
CA ASN B 41 -11.77 1.38 48.60
C ASN B 41 -10.97 2.66 48.41
N LYS B 42 -9.66 2.52 48.21
CA LYS B 42 -8.79 3.69 48.11
C LYS B 42 -9.07 4.49 46.84
N ASN B 43 -9.54 3.83 45.79
CA ASN B 43 -9.67 4.47 44.48
C ASN B 43 -11.09 4.42 43.92
N CYS B 44 -12.10 4.25 44.76
CA CYS B 44 -13.45 4.08 44.23
C CYS B 44 -14.50 4.58 45.22
N TRP B 45 -15.50 5.26 44.69
CA TRP B 45 -16.63 5.74 45.47
C TRP B 45 -17.93 5.11 44.98
N ARG B 46 -18.91 5.07 45.87
CA ARG B 46 -20.21 4.48 45.60
C ARG B 46 -21.27 5.57 45.62
N ILE B 47 -22.09 5.65 44.58
CA ILE B 47 -23.22 6.56 44.51
C ILE B 47 -24.46 5.73 44.81
N LYS B 48 -24.94 5.80 46.05
CA LYS B 48 -26.11 5.02 46.44
C LYS B 48 -27.35 5.57 45.75
N LYS B 49 -28.37 4.71 45.66
CA LYS B 49 -29.63 5.14 45.06
C LYS B 49 -30.27 6.24 45.87
N GLY B 50 -30.96 7.15 45.18
CA GLY B 50 -31.52 8.33 45.80
C GLY B 50 -30.77 9.60 45.48
N PHE B 51 -29.49 9.49 45.09
CA PHE B 51 -28.72 10.65 44.66
C PHE B 51 -29.48 11.43 43.59
N VAL B 52 -30.00 10.73 42.60
CA VAL B 52 -30.95 11.28 41.64
C VAL B 52 -32.15 10.33 41.60
N PRO B 53 -33.28 10.71 41.02
CA PRO B 53 -34.44 9.83 41.03
C PRO B 53 -34.28 8.63 40.11
N ASN B 54 -35.06 7.59 40.42
CA ASN B 54 -35.31 6.45 39.53
C ASN B 54 -34.06 5.61 39.25
N MET B 55 -33.07 5.65 40.13
CA MET B 55 -31.83 4.91 39.88
C MET B 55 -32.11 3.40 39.88
N GLN B 56 -31.82 2.75 38.76
CA GLN B 56 -32.00 1.30 38.66
C GLN B 56 -30.84 0.56 39.31
N VAL B 57 -29.61 1.01 39.07
CA VAL B 57 -28.42 0.44 39.66
C VAL B 57 -27.70 1.54 40.43
N GLU B 58 -26.71 1.14 41.20
CA GLU B 58 -25.89 2.12 41.90
C GLU B 58 -24.84 2.70 40.96
N GLY B 59 -24.17 3.75 41.42
CA GLY B 59 -23.15 4.42 40.64
C GLY B 59 -21.80 4.34 41.33
N VAL B 60 -20.75 4.32 40.52
CA VAL B 60 -19.38 4.29 41.02
C VAL B 60 -18.52 5.23 40.20
N PHE B 61 -17.52 5.82 40.85
CA PHE B 61 -16.47 6.53 40.15
C PHE B 61 -15.13 6.27 40.80
N TYR B 62 -14.11 6.11 39.96
CA TYR B 62 -12.75 5.81 40.38
C TYR B 62 -11.93 7.09 40.39
N VAL B 63 -11.24 7.34 41.51
CA VAL B 63 -10.52 8.59 41.70
C VAL B 63 -9.30 8.33 42.59
N ASN B 64 -8.30 9.19 42.45
CA ASN B 64 -7.26 9.32 43.46
C ASN B 64 -7.55 10.59 44.26
N ASP B 65 -6.66 10.91 45.21
CA ASP B 65 -6.93 12.00 46.13
C ASP B 65 -7.10 13.32 45.41
N ALA B 66 -6.32 13.55 44.34
CA ALA B 66 -6.44 14.79 43.59
C ALA B 66 -7.73 14.82 42.78
N LEU B 67 -8.05 13.72 42.09
CA LEU B 67 -9.28 13.68 41.30
C LEU B 67 -10.51 13.67 42.20
N GLU B 68 -10.41 13.04 43.38
CA GLU B 68 -11.52 13.06 44.33
C GLU B 68 -11.82 14.48 44.79
N LYS B 69 -10.78 15.26 45.08
CA LYS B 69 -10.96 16.64 45.48
C LYS B 69 -11.66 17.44 44.40
N LEU B 70 -11.29 17.23 43.13
CA LEU B 70 -11.90 17.98 42.04
C LEU B 70 -13.35 17.58 41.83
N MET B 71 -13.67 16.30 42.02
CA MET B 71 -15.05 15.84 41.81
C MET B 71 -16.00 16.46 42.84
N PHE B 72 -15.62 16.40 44.12
CA PHE B 72 -16.51 16.93 45.15
C PHE B 72 -16.55 18.45 45.14
N GLU B 73 -15.46 19.10 44.70
CA GLU B 73 -15.50 20.55 44.50
C GLU B 73 -16.51 20.94 43.44
N GLU B 74 -16.58 20.16 42.34
CA GLU B 74 -17.57 20.42 41.32
C GLU B 74 -18.99 20.24 41.86
N LEU B 75 -19.18 19.23 42.71
CA LEU B 75 -20.49 19.03 43.34
C LEU B 75 -20.83 20.19 44.27
N ARG B 76 -19.86 20.61 45.09
CA ARG B 76 -20.13 21.67 46.06
C ARG B 76 -20.40 22.99 45.36
N ASN B 77 -19.67 23.28 44.28
CA ASN B 77 -19.93 24.50 43.52
C ASN B 77 -21.34 24.53 42.97
N ALA B 78 -21.81 23.40 42.44
CA ALA B 78 -23.17 23.34 41.91
C ALA B 78 -24.20 23.43 43.03
N CYS B 79 -23.90 22.83 44.19
CA CYS B 79 -24.80 22.92 45.33
C CYS B 79 -24.91 24.36 45.82
N ARG B 80 -23.79 25.08 45.85
CA ARG B 80 -23.82 26.48 46.29
C ARG B 80 -24.62 27.34 45.33
N GLY B 81 -24.49 27.09 44.02
CA GLY B 81 -25.18 27.84 43.00
C GLY B 81 -26.46 27.22 42.49
N GLY B 82 -26.95 26.16 43.12
CA GLY B 82 -28.17 25.50 42.68
C GLY B 82 -28.07 24.87 41.30
N PHE B 87 -24.04 22.68 32.37
CA PHE B 87 -24.28 21.26 32.54
C PHE B 87 -24.36 20.84 34.01
N LEU B 88 -24.99 19.69 34.24
CA LEU B 88 -25.05 19.11 35.57
C LEU B 88 -23.66 18.66 36.00
N PRO B 89 -23.39 18.63 37.32
CA PRO B 89 -22.13 18.05 37.79
C PRO B 89 -22.01 16.59 37.36
N ALA B 90 -20.77 16.16 37.16
CA ALA B 90 -20.52 14.85 36.57
C ALA B 90 -21.04 13.74 37.47
N MET B 91 -20.89 13.90 38.78
CA MET B 91 -21.40 12.90 39.72
C MET B 91 -22.90 12.71 39.56
N LYS B 92 -23.64 13.80 39.36
CA LYS B 92 -25.08 13.70 39.16
C LYS B 92 -25.43 13.00 37.86
N GLN B 93 -24.67 13.27 36.78
CA GLN B 93 -24.97 12.65 35.49
C GLN B 93 -24.74 11.15 35.53
N ILE B 94 -23.74 10.70 36.29
CA ILE B 94 -23.53 9.26 36.48
C ILE B 94 -24.77 8.62 37.07
N GLY B 95 -25.41 9.30 38.02
CA GLY B 95 -26.61 8.75 38.62
C GLY B 95 -27.81 8.77 37.67
N ASN B 96 -27.93 9.85 36.88
CA ASN B 96 -29.00 9.91 35.89
C ASN B 96 -28.90 8.75 34.90
N VAL B 97 -27.67 8.41 34.50
CA VAL B 97 -27.47 7.27 33.61
C VAL B 97 -27.86 5.97 34.30
N ALA B 98 -27.63 5.88 35.61
CA ALA B 98 -28.05 4.72 36.38
C ALA B 98 -29.56 4.58 36.46
N ALA B 99 -30.31 5.61 36.10
CA ALA B 99 -31.76 5.58 36.11
C ALA B 99 -32.36 5.19 34.76
N LEU B 100 -31.54 5.01 33.73
CA LEU B 100 -32.07 4.67 32.42
C LEU B 100 -32.51 3.20 32.41
N PRO B 101 -33.58 2.87 31.70
CA PRO B 101 -34.09 1.50 31.72
C PRO B 101 -33.17 0.54 30.98
N GLY B 102 -32.94 -0.63 31.59
CA GLY B 102 -32.14 -1.67 31.00
C GLY B 102 -30.71 -1.75 31.50
N ILE B 103 -30.24 -0.75 32.22
CA ILE B 103 -28.86 -0.74 32.69
C ILE B 103 -28.62 -1.92 33.62
N VAL B 104 -27.38 -2.43 33.63
CA VAL B 104 -26.99 -3.55 34.48
C VAL B 104 -25.70 -3.19 35.21
N HIS B 105 -25.44 -3.96 36.27
CA HIS B 105 -24.30 -3.74 37.15
C HIS B 105 -24.33 -2.35 37.78
N ARG B 106 -23.64 -1.39 37.16
CA ARG B 106 -23.59 -0.05 37.72
C ARG B 106 -23.22 0.96 36.63
N SER B 107 -23.51 2.22 36.92
CA SER B 107 -23.08 3.34 36.09
C SER B 107 -21.70 3.79 36.57
N ILE B 108 -20.70 3.66 35.73
CA ILE B 108 -19.30 3.78 36.12
C ILE B 108 -18.70 5.05 35.54
N GLY B 109 -18.07 5.84 36.39
CA GLY B 109 -17.30 7.00 35.96
C GLY B 109 -15.82 6.72 36.06
N LEU B 110 -15.14 6.78 34.93
CA LEU B 110 -13.71 6.52 34.90
C LEU B 110 -12.95 7.73 35.46
N PRO B 111 -11.68 7.54 35.85
CA PRO B 111 -10.94 8.62 36.54
C PRO B 111 -10.93 9.96 35.83
N ASP B 112 -11.13 9.98 34.51
CA ASP B 112 -11.12 11.23 33.75
C ASP B 112 -12.53 11.78 33.51
N VAL B 113 -13.46 11.48 34.41
CA VAL B 113 -14.86 11.80 34.15
C VAL B 113 -15.10 13.30 34.32
N HIS B 114 -15.88 13.87 33.39
CA HIS B 114 -16.34 15.25 33.51
C HIS B 114 -17.67 15.36 32.77
N SER B 115 -18.33 16.50 32.95
CA SER B 115 -19.71 16.67 32.53
C SER B 115 -19.83 16.70 31.00
N GLY B 116 -20.98 16.24 30.52
CA GLY B 116 -21.25 16.24 29.10
C GLY B 116 -22.74 16.20 28.80
N TYR B 117 -23.07 15.85 27.56
CA TYR B 117 -24.45 15.82 27.10
C TYR B 117 -25.11 14.54 27.61
N GLY B 118 -25.95 14.66 28.63
CA GLY B 118 -26.65 13.53 29.19
C GLY B 118 -25.74 12.60 29.97
N PHE B 119 -24.94 11.81 29.25
CA PHE B 119 -23.85 11.07 29.86
C PHE B 119 -22.70 12.01 30.13
N ALA B 120 -22.04 11.82 31.27
CA ALA B 120 -20.76 12.48 31.48
C ALA B 120 -19.72 11.86 30.56
N ILE B 121 -18.79 12.69 30.09
CA ILE B 121 -17.69 12.20 29.27
C ILE B 121 -16.77 11.40 30.18
N GLY B 122 -16.65 10.10 29.88
CA GLY B 122 -15.98 9.17 30.77
C GLY B 122 -16.92 8.35 31.62
N ASN B 123 -18.20 8.33 31.30
CA ASN B 123 -19.21 7.59 32.04
C ASN B 123 -19.77 6.51 31.13
N MET B 124 -19.64 5.26 31.55
CA MET B 124 -20.09 4.12 30.77
C MET B 124 -21.32 3.48 31.42
N ALA B 125 -22.08 2.75 30.60
CA ALA B 125 -23.22 1.99 31.05
C ALA B 125 -23.51 0.90 30.02
N ALA B 126 -23.81 -0.30 30.50
CA ALA B 126 -24.17 -1.42 29.65
C ALA B 126 -25.63 -1.77 29.87
N PHE B 127 -26.32 -2.11 28.78
CA PHE B 127 -27.76 -2.37 28.81
C PHE B 127 -28.05 -3.77 28.31
N ASP B 128 -28.87 -4.50 29.06
CA ASP B 128 -29.25 -5.86 28.70
C ASP B 128 -30.18 -5.83 27.49
N MET B 129 -29.67 -6.26 26.34
CA MET B 129 -30.48 -6.27 25.13
C MET B 129 -31.63 -7.26 25.21
N ASN B 130 -31.58 -8.21 26.15
CA ASN B 130 -32.71 -9.12 26.34
C ASN B 130 -33.89 -8.42 27.01
N ASP B 131 -33.62 -7.44 27.86
CA ASP B 131 -34.69 -6.66 28.47
C ASP B 131 -35.33 -5.78 27.41
N PRO B 132 -36.62 -5.96 27.09
CA PRO B 132 -37.24 -5.12 26.06
C PRO B 132 -37.25 -3.64 26.41
N GLU B 133 -37.29 -3.31 27.71
CA GLU B 133 -37.26 -1.91 28.14
C GLU B 133 -35.92 -1.24 27.91
N ALA B 134 -34.86 -2.01 27.66
CA ALA B 134 -33.52 -1.47 27.49
C ALA B 134 -33.49 -0.44 26.37
N VAL B 135 -32.63 0.57 26.50
CA VAL B 135 -32.61 1.71 25.61
C VAL B 135 -31.20 1.92 25.08
N VAL B 136 -31.10 2.79 24.07
CA VAL B 136 -29.83 3.27 23.54
C VAL B 136 -29.89 4.79 23.56
N SER B 137 -28.83 5.43 24.05
CA SER B 137 -28.80 6.88 24.20
C SER B 137 -27.68 7.46 23.35
N PRO B 138 -28.00 8.34 22.39
CA PRO B 138 -26.91 8.98 21.62
C PRO B 138 -26.01 9.83 22.49
N GLY B 139 -26.55 10.48 23.52
CA GLY B 139 -25.72 11.17 24.48
C GLY B 139 -24.76 10.26 25.23
N GLY B 140 -25.01 8.95 25.19
CA GLY B 140 -24.10 7.97 25.73
C GLY B 140 -22.96 7.59 24.81
N VAL B 141 -23.03 8.00 23.56
CA VAL B 141 -21.98 7.75 22.59
C VAL B 141 -21.15 9.00 22.31
N GLY B 142 -21.82 10.15 22.19
CA GLY B 142 -21.12 11.38 21.94
C GLY B 142 -21.30 11.86 20.50
N PHE B 143 -21.07 13.15 20.30
CA PHE B 143 -21.32 13.75 18.99
C PHE B 143 -20.23 13.42 17.98
N ASP B 144 -18.99 13.25 18.43
CA ASP B 144 -17.91 12.84 17.53
C ASP B 144 -17.83 11.31 17.56
N ILE B 145 -18.72 10.69 16.80
CA ILE B 145 -18.89 9.24 16.85
C ILE B 145 -17.62 8.57 16.38
N ASN B 146 -17.09 7.68 17.23
CA ASN B 146 -15.92 6.85 16.93
C ASN B 146 -14.63 7.67 16.83
N CYS B 147 -14.59 8.83 17.49
CA CYS B 147 -13.33 9.50 17.72
C CYS B 147 -12.37 8.53 18.40
N GLY B 148 -11.13 8.49 17.92
CA GLY B 148 -10.20 7.47 18.36
C GLY B 148 -8.76 7.89 18.23
N VAL B 149 -7.88 7.01 18.70
CA VAL B 149 -6.44 7.25 18.71
C VAL B 149 -5.77 6.08 18.01
N ARG B 150 -4.83 6.39 17.13
CA ARG B 150 -4.04 5.38 16.43
C ARG B 150 -2.57 5.70 16.62
N LEU B 151 -1.79 4.69 17.00
CA LEU B 151 -0.37 4.85 17.24
C LEU B 151 0.42 4.16 16.14
N LEU B 152 1.30 4.91 15.49
CA LEU B 152 2.24 4.37 14.50
C LEU B 152 3.64 4.37 15.11
N ARG B 153 4.38 3.28 14.90
CA ARG B 153 5.77 3.23 15.29
C ARG B 153 6.65 3.54 14.09
N THR B 154 7.94 3.79 14.35
CA THR B 154 8.91 4.07 13.31
C THR B 154 10.24 3.42 13.65
N ASN B 155 11.08 3.30 12.61
CA ASN B 155 12.46 2.88 12.82
C ASN B 155 13.25 3.90 13.63
N LEU B 156 12.86 5.17 13.52
CA LEU B 156 13.74 6.26 13.92
C LEU B 156 13.84 6.39 15.44
N ASP B 157 14.90 7.07 15.87
CA ASP B 157 15.06 7.52 17.25
C ASP B 157 14.94 9.03 17.30
N GLU B 158 14.95 9.57 18.52
CA GLU B 158 14.80 11.02 18.68
C GLU B 158 15.95 11.79 18.05
N SER B 159 17.14 11.17 17.99
CA SER B 159 18.28 11.84 17.39
C SER B 159 18.06 12.07 15.89
N ASP B 160 17.41 11.12 15.22
CA ASP B 160 17.17 11.26 13.78
C ASP B 160 16.12 12.32 13.49
N VAL B 161 15.15 12.49 14.39
CA VAL B 161 14.01 13.35 14.09
C VAL B 161 14.23 14.78 14.54
N GLN B 162 15.02 15.00 15.60
CA GLN B 162 15.22 16.33 16.15
C GLN B 162 15.68 17.36 15.13
N PRO B 163 16.64 17.09 14.25
CA PRO B 163 17.02 18.13 13.27
C PRO B 163 15.91 18.51 12.31
N VAL B 164 14.98 17.60 12.04
CA VAL B 164 13.91 17.82 11.08
C VAL B 164 12.56 17.96 11.78
N LYS B 165 12.56 18.32 13.07
CA LYS B 165 11.33 18.52 13.82
C LYS B 165 10.39 19.48 13.10
N GLU B 166 10.86 20.70 12.81
CA GLU B 166 10.00 21.73 12.24
C GLU B 166 9.56 21.36 10.83
N GLN B 167 10.44 20.72 10.05
CA GLN B 167 10.07 20.32 8.70
C GLN B 167 9.02 19.21 8.72
N LEU B 168 9.23 18.20 9.57
CA LEU B 168 8.24 17.15 9.73
C LEU B 168 6.91 17.72 10.18
N ALA B 169 6.94 18.66 11.12
CA ALA B 169 5.69 19.25 11.61
C ALA B 169 4.98 20.03 10.52
N GLN B 170 5.73 20.82 9.74
CA GLN B 170 5.13 21.55 8.63
C GLN B 170 4.51 20.61 7.61
N ALA B 171 5.22 19.54 7.26
CA ALA B 171 4.70 18.61 6.26
C ALA B 171 3.40 17.95 6.73
N MET B 172 3.34 17.56 8.00
CA MET B 172 2.11 16.94 8.51
C MET B 172 0.97 17.95 8.52
N PHE B 173 1.27 19.21 8.83
CA PHE B 173 0.23 20.23 8.79
C PHE B 173 -0.21 20.52 7.35
N ASP B 174 0.74 20.50 6.41
CA ASP B 174 0.38 20.67 5.01
C ASP B 174 -0.45 19.49 4.52
N HIS B 175 -0.09 18.27 4.94
CA HIS B 175 -0.80 17.06 4.53
C HIS B 175 -2.05 16.83 5.36
N ILE B 176 -2.70 17.89 5.82
CA ILE B 176 -3.92 17.76 6.62
C ILE B 176 -5.08 17.47 5.67
N PRO B 177 -5.98 16.54 6.00
CA PRO B 177 -7.02 16.13 5.04
C PRO B 177 -8.17 17.09 4.89
N VAL B 178 -8.15 18.25 5.54
CA VAL B 178 -9.31 19.13 5.54
C VAL B 178 -8.93 20.53 5.04
N VAL B 185 -6.37 17.61 0.66
CA VAL B 185 -7.71 17.09 0.40
C VAL B 185 -7.67 16.01 -0.67
N ILE B 186 -8.29 14.87 -0.37
CA ILE B 186 -8.38 13.76 -1.34
C ILE B 186 -9.79 13.75 -1.91
N PRO B 187 -9.95 13.36 -3.18
CA PRO B 187 -11.28 13.44 -3.80
C PRO B 187 -12.25 12.41 -3.22
N MET B 188 -13.44 12.89 -2.86
CA MET B 188 -14.53 12.03 -2.39
C MET B 188 -15.84 12.55 -2.98
N ASN B 189 -16.62 11.64 -3.57
CA ASN B 189 -17.93 11.94 -4.10
C ASN B 189 -18.99 11.21 -3.26
N ALA B 190 -20.24 11.28 -3.71
CA ALA B 190 -21.32 10.63 -2.99
C ALA B 190 -21.13 9.12 -2.94
N LYS B 191 -20.73 8.52 -4.06
CA LYS B 191 -20.52 7.07 -4.09
C LYS B 191 -19.34 6.67 -3.22
N ASP B 192 -18.24 7.42 -3.28
CA ASP B 192 -17.10 7.15 -2.42
C ASP B 192 -17.47 7.29 -0.95
N LEU B 193 -18.29 8.29 -0.63
CA LEU B 193 -18.69 8.49 0.75
C LEU B 193 -19.56 7.34 1.25
N GLU B 194 -20.53 6.91 0.43
CA GLU B 194 -21.39 5.80 0.83
C GLU B 194 -20.59 4.51 0.98
N GLU B 195 -19.67 4.25 0.06
CA GLU B 195 -18.80 3.08 0.19
C GLU B 195 -17.94 3.18 1.45
N ALA B 196 -17.47 4.38 1.78
CA ALA B 196 -16.71 4.56 3.01
C ALA B 196 -17.59 4.33 4.24
N LEU B 197 -18.87 4.72 4.16
CA LEU B 197 -19.76 4.53 5.29
C LEU B 197 -20.10 3.06 5.52
N GLU B 198 -20.06 2.25 4.45
CA GLU B 198 -20.40 0.83 4.60
C GLU B 198 -19.16 -0.03 4.81
N MET B 199 -18.05 0.29 4.16
CA MET B 199 -16.88 -0.59 4.17
C MET B 199 -15.81 -0.19 5.17
N GLY B 200 -15.77 1.07 5.59
CA GLY B 200 -14.76 1.48 6.55
C GLY B 200 -13.36 1.36 5.97
N VAL B 201 -12.47 0.68 6.70
CA VAL B 201 -11.10 0.54 6.24
C VAL B 201 -10.99 -0.28 4.96
N ASP B 202 -12.02 -1.08 4.65
CA ASP B 202 -11.99 -1.87 3.42
C ASP B 202 -12.02 -0.99 2.19
N TRP B 203 -12.73 0.13 2.25
CA TRP B 203 -12.66 1.11 1.18
C TRP B 203 -11.26 1.69 1.08
N SER B 204 -10.65 2.02 2.23
CA SER B 204 -9.31 2.58 2.23
C SER B 204 -8.29 1.59 1.68
N LEU B 205 -8.51 0.30 1.93
CA LEU B 205 -7.63 -0.72 1.35
C LEU B 205 -7.78 -0.78 -0.16
N ARG B 206 -9.01 -0.70 -0.66
CA ARG B 206 -9.24 -0.76 -2.10
C ARG B 206 -8.56 0.41 -2.81
N GLU B 207 -8.61 1.60 -2.23
CA GLU B 207 -8.10 2.80 -2.87
C GLU B 207 -6.62 3.04 -2.57
N GLY B 208 -5.99 2.21 -1.74
CA GLY B 208 -4.58 2.30 -1.47
C GLY B 208 -4.18 3.14 -0.27
N TYR B 209 -5.15 3.69 0.47
CA TYR B 209 -4.82 4.56 1.59
C TYR B 209 -4.43 3.80 2.85
N ALA B 210 -4.68 2.49 2.89
CA ALA B 210 -4.40 1.70 4.07
C ALA B 210 -3.68 0.41 3.68
N TRP B 211 -2.85 -0.07 4.59
CA TRP B 211 -2.22 -1.37 4.43
C TRP B 211 -3.09 -2.44 5.10
N ALA B 212 -2.90 -3.69 4.64
CA ALA B 212 -3.69 -4.79 5.20
C ALA B 212 -3.38 -5.01 6.68
N GLU B 213 -2.11 -4.81 7.07
CA GLU B 213 -1.74 -4.99 8.47
C GLU B 213 -2.41 -3.97 9.39
N ASP B 214 -2.83 -2.82 8.85
CA ASP B 214 -3.50 -1.83 9.68
C ASP B 214 -4.85 -2.34 10.14
N LYS B 215 -5.58 -3.02 9.25
CA LYS B 215 -6.88 -3.60 9.61
C LYS B 215 -6.74 -4.65 10.71
N GLU B 216 -5.62 -5.38 10.72
CA GLU B 216 -5.43 -6.44 11.71
C GLU B 216 -5.31 -5.89 13.12
N HIS B 217 -4.63 -4.75 13.27
CA HIS B 217 -4.44 -4.11 14.58
C HIS B 217 -5.40 -2.94 14.77
N CYS B 218 -6.60 -3.09 14.24
CA CYS B 218 -7.64 -2.08 14.34
C CYS B 218 -8.85 -2.69 15.02
N GLU B 219 -9.45 -1.93 15.94
CA GLU B 219 -10.67 -2.34 16.59
C GLU B 219 -11.74 -2.65 15.56
N GLU B 220 -12.38 -3.82 15.70
CA GLU B 220 -13.42 -4.31 14.79
C GLU B 220 -12.92 -4.51 13.38
N TYR B 221 -11.60 -4.67 13.18
CA TYR B 221 -11.00 -4.77 11.86
C TYR B 221 -11.31 -3.56 10.98
N GLY B 222 -11.58 -2.41 11.60
CA GLY B 222 -11.83 -1.19 10.86
C GLY B 222 -13.13 -1.14 10.11
N ARG B 223 -14.02 -2.11 10.31
CA ARG B 223 -15.31 -2.13 9.64
C ARG B 223 -16.35 -2.75 10.54
N MET B 224 -17.38 -1.98 10.88
CA MET B 224 -18.57 -2.52 11.53
C MET B 224 -19.55 -2.93 10.44
N LEU B 225 -19.72 -4.24 10.25
CA LEU B 225 -20.56 -4.75 9.18
C LEU B 225 -22.04 -4.45 9.35
N GLN B 226 -22.46 -3.84 10.46
CA GLN B 226 -23.87 -3.50 10.69
C GLN B 226 -24.20 -2.08 10.24
N ALA B 227 -23.29 -1.42 9.57
CA ALA B 227 -23.54 -0.08 9.10
C ALA B 227 -24.61 -0.06 8.00
N ASP B 228 -25.32 1.06 7.91
CA ASP B 228 -26.34 1.26 6.88
C ASP B 228 -26.25 2.71 6.46
N PRO B 229 -25.64 3.00 5.31
CA PRO B 229 -25.56 4.39 4.85
C PRO B 229 -26.93 5.00 4.57
N ASN B 230 -27.96 4.18 4.39
CA ASN B 230 -29.30 4.71 4.19
C ASN B 230 -29.82 5.38 5.47
N LYS B 231 -29.39 4.91 6.63
CA LYS B 231 -29.79 5.49 7.90
C LYS B 231 -29.00 6.74 8.26
N VAL B 232 -28.10 7.19 7.38
CA VAL B 232 -27.36 8.43 7.57
C VAL B 232 -27.98 9.50 6.69
N SER B 233 -28.28 10.66 7.28
CA SER B 233 -28.99 11.69 6.55
C SER B 233 -28.11 12.31 5.47
N ALA B 234 -28.76 12.95 4.50
CA ALA B 234 -28.03 13.65 3.44
C ALA B 234 -27.29 14.85 4.00
N ARG B 235 -27.84 15.50 5.02
CA ARG B 235 -27.14 16.62 5.65
C ARG B 235 -25.82 16.15 6.28
N ALA B 236 -25.88 15.03 7.00
CA ALA B 236 -24.65 14.46 7.56
C ALA B 236 -23.64 14.13 6.48
N LYS B 237 -24.11 13.54 5.38
CA LYS B 237 -23.20 13.18 4.30
C LYS B 237 -22.53 14.42 3.71
N LYS B 238 -23.28 15.52 3.59
CA LYS B 238 -22.68 16.78 3.15
C LYS B 238 -21.57 17.22 4.10
N ARG B 239 -21.84 17.14 5.40
CA ARG B 239 -20.82 17.46 6.40
C ARG B 239 -19.58 16.60 6.25
N GLY B 240 -19.75 15.35 5.79
CA GLY B 240 -18.63 14.43 5.69
C GLY B 240 -17.75 14.64 4.49
N LEU B 241 -18.25 15.30 3.45
CA LEU B 241 -17.43 15.58 2.28
C LEU B 241 -16.25 16.46 2.67
N PRO B 242 -15.01 16.05 2.35
CA PRO B 242 -13.85 16.86 2.79
C PRO B 242 -13.87 18.28 2.25
N GLN B 243 -14.47 18.49 1.08
CA GLN B 243 -14.55 19.84 0.52
C GLN B 243 -15.33 20.77 1.44
N LEU B 244 -16.38 20.24 2.09
CA LEU B 244 -17.18 21.04 3.02
C LEU B 244 -16.49 21.24 4.37
N GLY B 245 -15.40 20.52 4.64
CA GLY B 245 -14.61 20.77 5.82
C GLY B 245 -13.66 21.92 5.63
N THR B 246 -13.10 22.40 6.74
CA THR B 246 -12.24 23.57 6.72
C THR B 246 -11.11 23.42 7.72
N LEU B 247 -9.94 23.94 7.35
CA LEU B 247 -8.80 23.95 8.25
C LEU B 247 -9.03 24.97 9.37
N GLY B 248 -8.71 24.58 10.59
CA GLY B 248 -8.99 25.39 11.75
C GLY B 248 -10.24 24.99 12.50
N ALA B 249 -11.02 24.05 11.97
CA ALA B 249 -12.18 23.55 12.70
C ALA B 249 -11.76 22.80 13.95
N GLY B 250 -10.58 22.19 13.94
CA GLY B 250 -10.06 21.47 15.09
C GLY B 250 -10.37 19.99 15.11
N ASN B 251 -10.79 19.41 14.00
CA ASN B 251 -11.17 18.00 13.98
C ASN B 251 -10.02 17.05 13.69
N HIS B 252 -8.81 17.58 13.50
CA HIS B 252 -7.64 16.76 13.20
C HIS B 252 -6.52 17.09 14.17
N TYR B 253 -5.90 16.05 14.71
CA TYR B 253 -4.82 16.20 15.68
C TYR B 253 -3.82 15.08 15.50
N ALA B 254 -2.54 15.43 15.56
CA ALA B 254 -1.46 14.46 15.40
C ALA B 254 -0.29 14.88 16.26
N GLU B 255 0.57 13.92 16.57
CA GLU B 255 1.64 14.15 17.54
C GLU B 255 2.80 13.21 17.23
N ILE B 256 3.96 13.77 16.93
CA ILE B 256 5.20 13.01 16.83
C ILE B 256 5.77 12.88 18.24
N GLN B 257 6.01 11.63 18.66
CA GLN B 257 6.29 11.34 20.05
C GLN B 257 7.57 10.49 20.16
N VAL B 258 8.16 10.55 21.36
CA VAL B 258 9.36 9.81 21.69
C VAL B 258 9.06 8.98 22.93
N VAL B 259 9.45 7.70 22.90
CA VAL B 259 9.29 6.84 24.07
C VAL B 259 10.17 7.36 25.19
N ASP B 260 9.56 7.68 26.33
CA ASP B 260 10.28 8.20 27.48
C ASP B 260 10.44 7.19 28.61
N GLU B 261 9.55 6.20 28.71
CA GLU B 261 9.66 5.20 29.75
C GLU B 261 8.85 3.96 29.35
N ILE B 262 9.36 2.80 29.73
CA ILE B 262 8.72 1.51 29.46
C ILE B 262 8.52 0.81 30.78
N PHE B 263 7.26 0.50 31.10
CA PHE B 263 6.92 -0.17 32.35
C PHE B 263 6.76 -1.67 32.18
N ASN B 264 6.15 -2.12 31.09
CA ASN B 264 6.07 -3.54 30.74
C ASN B 264 6.89 -3.73 29.47
N GLU B 265 8.10 -4.27 29.62
CA GLU B 265 8.97 -4.46 28.46
C GLU B 265 8.43 -5.53 27.53
N TYR B 266 7.76 -6.54 28.07
CA TYR B 266 7.18 -7.59 27.23
C TYR B 266 6.11 -7.01 26.31
N ALA B 267 5.24 -6.16 26.83
CA ALA B 267 4.21 -5.55 26.01
C ALA B 267 4.81 -4.68 24.91
N ALA B 268 5.85 -3.90 25.24
CA ALA B 268 6.50 -3.06 24.25
C ALA B 268 7.16 -3.91 23.16
N LYS B 269 7.72 -5.06 23.55
CA LYS B 269 8.33 -5.95 22.56
C LYS B 269 7.29 -6.47 21.57
N LYS B 270 6.10 -6.83 22.06
CA LYS B 270 5.03 -7.24 21.16
C LYS B 270 4.55 -6.09 20.29
N MET B 271 4.66 -4.86 20.79
CA MET B 271 4.25 -3.67 20.05
C MET B 271 5.34 -3.14 19.13
N GLY B 272 6.54 -3.72 19.15
CA GLY B 272 7.62 -3.21 18.34
C GLY B 272 8.42 -2.09 18.97
N ILE B 273 8.20 -1.81 20.26
CA ILE B 273 8.94 -0.78 20.96
C ILE B 273 10.12 -1.47 21.65
N ASP B 274 11.30 -1.33 21.05
CA ASP B 274 12.48 -2.03 21.54
C ASP B 274 13.26 -1.24 22.59
N HIS B 275 13.17 0.08 22.56
CA HIS B 275 14.03 0.89 23.42
C HIS B 275 13.42 2.26 23.61
N LYS B 276 13.88 2.93 24.67
CA LYS B 276 13.53 4.32 24.90
C LYS B 276 14.23 5.22 23.90
N GLY B 277 13.60 6.35 23.58
CA GLY B 277 14.07 7.20 22.51
C GLY B 277 13.51 6.88 21.15
N GLN B 278 12.82 5.75 21.00
CA GLN B 278 12.20 5.37 19.74
C GLN B 278 11.05 6.32 19.43
N VAL B 279 10.90 6.67 18.15
CA VAL B 279 9.91 7.65 17.73
C VAL B 279 8.62 6.95 17.33
N CYS B 280 7.49 7.47 17.81
CA CYS B 280 6.18 7.01 17.40
C CYS B 280 5.35 8.21 16.95
N VAL B 281 4.25 7.92 16.24
CA VAL B 281 3.36 8.94 15.71
C VAL B 281 1.94 8.62 16.15
N MET B 282 1.25 9.61 16.70
CA MET B 282 -0.09 9.44 17.24
C MET B 282 -1.08 10.25 16.43
N ILE B 283 -2.26 9.67 16.20
CA ILE B 283 -3.29 10.26 15.35
C ILE B 283 -4.62 10.24 16.09
N HIS B 284 -5.29 11.38 16.12
CA HIS B 284 -6.50 11.58 16.91
C HIS B 284 -7.54 12.24 16.03
N SER B 285 -8.59 11.51 15.66
CA SER B 285 -9.64 12.04 14.81
C SER B 285 -10.85 11.12 14.88
N GLY B 286 -11.96 11.59 14.30
CA GLY B 286 -13.23 10.87 14.34
C GLY B 286 -14.05 11.13 13.10
N SER B 287 -15.37 11.22 13.28
CA SER B 287 -16.32 11.29 12.18
C SER B 287 -16.78 12.72 11.88
N ARG B 288 -16.27 13.71 12.59
CA ARG B 288 -16.42 15.14 12.26
C ARG B 288 -17.91 15.50 12.30
N GLY B 289 -18.39 16.31 11.35
CA GLY B 289 -19.77 16.74 11.36
C GLY B 289 -20.74 15.66 10.93
N LEU B 290 -20.27 14.70 10.12
CA LEU B 290 -21.09 13.53 9.83
C LEU B 290 -21.46 12.81 11.11
N GLY B 291 -20.51 12.66 12.03
CA GLY B 291 -20.82 12.10 13.33
C GLY B 291 -21.72 13.00 14.15
N HIS B 292 -21.44 14.31 14.14
CA HIS B 292 -22.27 15.25 14.89
C HIS B 292 -23.69 15.27 14.35
N GLN B 293 -23.85 15.23 13.03
CA GLN B 293 -25.18 15.29 12.44
C GLN B 293 -25.93 13.97 12.64
N VAL B 294 -25.22 12.84 12.58
CA VAL B 294 -25.86 11.55 12.83
C VAL B 294 -26.41 11.50 14.25
N ALA B 295 -25.64 11.98 15.24
CA ALA B 295 -26.13 11.97 16.61
C ALA B 295 -27.28 12.95 16.80
N THR B 296 -27.21 14.11 16.15
CA THR B 296 -28.25 15.12 16.32
C THR B 296 -29.60 14.64 15.76
N ASP B 297 -29.59 14.13 14.52
CA ASP B 297 -30.83 13.66 13.92
C ASP B 297 -31.48 12.56 14.74
N ALA B 298 -30.67 11.71 15.39
CA ALA B 298 -31.23 10.65 16.21
C ALA B 298 -31.78 11.20 17.52
N LEU B 299 -31.21 12.28 18.05
CA LEU B 299 -31.77 12.91 19.24
C LEU B 299 -33.13 13.53 18.96
N VAL B 300 -33.28 14.17 17.80
CA VAL B 300 -34.56 14.76 17.41
C VAL B 300 -35.61 13.67 17.27
N ALA B 301 -35.28 12.59 16.55
CA ALA B 301 -36.25 11.54 16.29
C ALA B 301 -36.63 10.79 17.56
N MET B 302 -35.71 10.68 18.53
CA MET B 302 -36.05 9.98 19.76
C MET B 302 -36.94 10.82 20.66
N GLU B 303 -36.83 12.15 20.57
CA GLU B 303 -37.63 13.02 21.43
C GLU B 303 -39.12 12.86 21.12
N LYS B 304 -39.49 12.78 19.85
CA LYS B 304 -40.87 12.47 19.52
C LYS B 304 -41.20 11.01 19.82
N ALA B 305 -40.23 10.11 19.68
CA ALA B 305 -40.51 8.70 19.90
C ALA B 305 -40.70 8.37 21.37
N MET B 306 -40.11 9.16 22.27
CA MET B 306 -40.25 8.88 23.70
C MET B 306 -41.70 9.02 24.16
N LYS B 307 -42.47 9.88 23.51
CA LYS B 307 -43.89 9.97 23.81
C LYS B 307 -44.60 8.67 23.49
N ARG B 308 -44.30 8.07 22.34
CA ARG B 308 -44.93 6.81 21.97
C ARG B 308 -44.49 5.67 22.87
N ASP B 309 -43.18 5.58 23.15
CA ASP B 309 -42.61 4.47 23.90
C ASP B 309 -42.72 4.66 25.42
N LYS B 310 -43.03 5.87 25.89
CA LYS B 310 -43.29 6.16 27.31
C LYS B 310 -42.06 5.85 28.17
N ILE B 311 -41.01 6.64 27.94
CA ILE B 311 -39.74 6.51 28.66
C ILE B 311 -39.51 7.76 29.48
N ILE B 312 -39.23 7.58 30.77
CA ILE B 312 -38.99 8.67 31.69
C ILE B 312 -37.48 8.81 31.90
N VAL B 313 -36.98 10.04 31.78
CA VAL B 313 -35.57 10.34 31.98
C VAL B 313 -35.45 11.53 32.93
N ASN B 314 -34.42 11.52 33.77
CA ASN B 314 -34.20 12.63 34.69
C ASN B 314 -33.70 13.88 33.98
N ASP B 315 -33.20 13.74 32.75
CA ASP B 315 -32.60 14.84 32.02
C ASP B 315 -33.01 14.73 30.55
N ARG B 316 -33.44 15.86 29.98
CA ARG B 316 -33.92 15.84 28.60
C ARG B 316 -32.80 15.62 27.59
N GLN B 317 -31.54 15.87 27.96
CA GLN B 317 -30.42 15.51 27.09
C GLN B 317 -30.07 14.03 27.19
N LEU B 318 -30.69 13.29 28.10
CA LEU B 318 -30.65 11.83 28.08
C LEU B 318 -31.67 11.22 27.14
N ALA B 319 -32.16 11.99 26.17
CA ALA B 319 -33.09 11.48 25.17
C ALA B 319 -32.58 10.17 24.60
N CYS B 320 -33.47 9.19 24.48
CA CYS B 320 -33.09 7.85 24.10
C CYS B 320 -34.28 7.15 23.45
N ALA B 321 -34.04 5.94 22.97
CA ALA B 321 -35.08 5.08 22.41
C ALA B 321 -34.78 3.65 22.80
N ARG B 322 -35.82 2.83 22.88
CA ARG B 322 -35.61 1.42 23.19
C ARG B 322 -34.79 0.77 22.09
N ILE B 323 -33.94 -0.19 22.48
CA ILE B 323 -33.02 -0.81 21.54
C ILE B 323 -33.77 -1.46 20.39
N ALA B 324 -34.84 -2.18 20.70
CA ALA B 324 -35.61 -2.87 19.66
C ALA B 324 -36.39 -1.92 18.76
N SER B 325 -36.64 -0.69 19.20
CA SER B 325 -37.48 0.24 18.46
C SER B 325 -36.82 0.63 17.14
N PRO B 326 -37.60 1.21 16.21
CA PRO B 326 -37.00 1.68 14.95
C PRO B 326 -35.98 2.78 15.14
N GLU B 327 -36.25 3.76 16.01
CA GLU B 327 -35.29 4.82 16.23
C GLU B 327 -33.98 4.29 16.82
N GLY B 328 -34.07 3.37 17.77
CA GLY B 328 -32.86 2.78 18.33
C GLY B 328 -32.10 1.96 17.31
N GLN B 329 -32.82 1.23 16.45
CA GLN B 329 -32.16 0.44 15.42
C GLN B 329 -31.55 1.32 14.35
N ASP B 330 -32.19 2.45 14.04
CA ASP B 330 -31.71 3.31 12.96
C ASP B 330 -30.50 4.13 13.39
N TYR B 331 -30.47 4.58 14.64
CA TYR B 331 -29.29 5.30 15.11
C TYR B 331 -28.08 4.37 15.18
N LEU B 332 -28.25 3.18 15.76
CA LEU B 332 -27.14 2.25 15.90
C LEU B 332 -26.52 1.91 14.55
N LYS B 333 -27.36 1.69 13.53
CA LYS B 333 -26.83 1.42 12.20
C LYS B 333 -26.19 2.65 11.59
N GLY B 334 -26.71 3.84 11.89
CA GLY B 334 -26.06 5.05 11.43
C GLY B 334 -24.80 5.36 12.21
N MET B 335 -24.81 5.06 13.52
CA MET B 335 -23.61 5.18 14.33
C MET B 335 -22.50 4.29 13.81
N ALA B 336 -22.84 3.07 13.37
CA ALA B 336 -21.83 2.18 12.81
C ALA B 336 -21.28 2.73 11.50
N ALA B 337 -22.12 3.39 10.70
CA ALA B 337 -21.63 4.01 9.47
C ALA B 337 -20.74 5.21 9.79
N ALA B 338 -21.13 6.04 10.76
CA ALA B 338 -20.25 7.09 11.24
C ALA B 338 -18.96 6.52 11.79
N GLY B 339 -19.05 5.36 12.46
CA GLY B 339 -17.86 4.69 12.95
C GLY B 339 -16.93 4.27 11.82
N ASN B 340 -17.49 3.67 10.76
CA ASN B 340 -16.68 3.33 9.60
C ASN B 340 -16.03 4.57 9.01
N TYR B 341 -16.79 5.66 8.90
CA TYR B 341 -16.24 6.90 8.34
C TYR B 341 -15.06 7.40 9.15
N ALA B 342 -15.09 7.21 10.48
CA ALA B 342 -13.98 7.66 11.31
C ALA B 342 -12.70 6.88 11.02
N TRP B 343 -12.83 5.57 10.79
CA TRP B 343 -11.65 4.76 10.46
C TRP B 343 -11.08 5.15 9.11
N VAL B 344 -11.93 5.53 8.15
CA VAL B 344 -11.43 6.01 6.87
C VAL B 344 -10.65 7.30 7.06
N ASN B 345 -11.14 8.17 7.93
CA ASN B 345 -10.46 9.45 8.18
C ASN B 345 -9.12 9.22 8.88
N ARG B 346 -9.07 8.29 9.84
CA ARG B 346 -7.80 8.00 10.49
C ARG B 346 -6.84 7.27 9.56
N SER B 347 -7.38 6.42 8.68
CA SER B 347 -6.54 5.75 7.69
C SER B 347 -5.93 6.74 6.72
N SER B 348 -6.71 7.73 6.28
CA SER B 348 -6.18 8.74 5.37
C SER B 348 -5.16 9.64 6.07
N MET B 349 -5.35 9.89 7.37
CA MET B 349 -4.32 10.60 8.12
C MET B 349 -3.07 9.76 8.25
N THR B 350 -3.22 8.44 8.42
CA THR B 350 -2.07 7.54 8.41
C THR B 350 -1.36 7.59 7.08
N PHE B 351 -2.13 7.55 5.98
CA PHE B 351 -1.54 7.61 4.65
C PHE B 351 -0.73 8.89 4.46
N LEU B 352 -1.30 10.04 4.85
CA LEU B 352 -0.61 11.31 4.67
C LEU B 352 0.54 11.47 5.67
N THR B 353 0.42 10.86 6.85
CA THR B 353 1.55 10.83 7.77
C THR B 353 2.72 10.06 7.18
N ARG B 354 2.44 8.91 6.56
CA ARG B 354 3.49 8.11 5.93
C ARG B 354 4.11 8.84 4.76
N GLN B 355 3.33 9.64 4.03
CA GLN B 355 3.92 10.42 2.95
C GLN B 355 4.80 11.54 3.48
N ALA B 356 4.35 12.21 4.54
CA ALA B 356 5.14 13.29 5.14
C ALA B 356 6.46 12.76 5.68
N PHE B 357 6.44 11.59 6.32
CA PHE B 357 7.68 11.01 6.83
C PHE B 357 8.57 10.51 5.69
N ALA B 358 7.96 10.04 4.58
CA ALA B 358 8.75 9.51 3.49
C ALA B 358 9.46 10.62 2.72
N LYS B 359 8.80 11.77 2.53
CA LYS B 359 9.42 12.86 1.80
C LYS B 359 10.55 13.50 2.60
N VAL B 360 10.40 13.60 3.91
CA VAL B 360 11.42 14.24 4.74
C VAL B 360 12.68 13.38 4.77
N PHE B 361 12.52 12.08 5.03
CA PHE B 361 13.64 11.17 5.16
C PHE B 361 14.02 10.48 3.86
N ASN B 362 13.42 10.89 2.75
CA ASN B 362 13.80 10.43 1.40
C ASN B 362 13.91 8.92 1.34
N THR B 363 12.84 8.24 1.75
CA THR B 363 12.78 6.79 1.68
C THR B 363 11.32 6.38 1.51
N THR B 364 11.05 5.09 1.68
CA THR B 364 9.69 4.58 1.57
C THR B 364 9.08 4.41 2.95
N PRO B 365 7.74 4.48 3.06
CA PRO B 365 7.12 4.30 4.38
C PRO B 365 7.41 2.95 5.00
N ASP B 366 7.53 1.90 4.18
CA ASP B 366 7.88 0.58 4.71
C ASP B 366 9.29 0.60 5.30
N ASP B 367 10.22 1.29 4.65
CA ASP B 367 11.59 1.35 5.15
C ASP B 367 11.71 2.15 6.46
N LEU B 368 10.63 2.77 6.93
CA LEU B 368 10.59 3.42 8.22
C LEU B 368 9.74 2.67 9.23
N ASP B 369 9.20 1.51 8.86
CA ASP B 369 8.39 0.68 9.76
C ASP B 369 7.23 1.46 10.35
N LEU B 370 6.49 2.16 9.48
CA LEU B 370 5.35 2.98 9.92
C LEU B 370 4.09 2.13 10.07
N HIS B 371 4.20 1.00 10.77
CA HIS B 371 3.07 0.11 10.97
C HIS B 371 2.18 0.60 12.10
N VAL B 372 0.89 0.26 11.99
CA VAL B 372 -0.08 0.59 13.04
C VAL B 372 0.18 -0.33 14.24
N ILE B 373 0.47 0.28 15.39
CA ILE B 373 0.56 -0.49 16.63
C ILE B 373 -0.83 -0.92 17.07
N TYR B 374 -1.75 0.03 17.19
CA TYR B 374 -3.15 -0.30 17.47
C TYR B 374 -4.01 0.92 17.16
N ASP B 375 -5.33 0.72 17.25
CA ASP B 375 -6.31 1.75 16.97
C ASP B 375 -7.53 1.48 17.83
N VAL B 376 -7.75 2.34 18.82
CA VAL B 376 -8.90 2.22 19.72
C VAL B 376 -9.77 3.46 19.58
N SER B 377 -11.07 3.28 19.81
CA SER B 377 -12.03 4.37 19.79
C SER B 377 -12.52 4.66 21.20
N HIS B 378 -13.19 5.81 21.36
CA HIS B 378 -13.71 6.19 22.67
C HIS B 378 -15.04 6.93 22.59
N ASN B 379 -15.78 6.81 21.48
CA ASN B 379 -17.11 7.39 21.38
C ASN B 379 -17.94 6.46 20.49
N ILE B 380 -18.33 5.32 21.05
CA ILE B 380 -19.02 4.29 20.27
C ILE B 380 -19.79 3.39 21.23
N ALA B 381 -20.77 2.67 20.68
CA ALA B 381 -21.51 1.66 21.42
C ALA B 381 -21.27 0.29 20.80
N LYS B 382 -21.19 -0.73 21.64
CA LYS B 382 -20.77 -2.05 21.21
C LYS B 382 -21.67 -3.12 21.80
N VAL B 383 -21.88 -4.18 21.03
CA VAL B 383 -22.56 -5.38 21.51
C VAL B 383 -21.48 -6.33 22.02
N GLU B 384 -21.59 -6.72 23.29
CA GLU B 384 -20.53 -7.48 23.94
C GLU B 384 -21.13 -8.50 24.91
N GLN B 385 -20.44 -9.63 25.03
CA GLN B 385 -20.80 -10.67 25.99
C GLN B 385 -20.07 -10.43 27.30
N HIS B 386 -20.83 -10.38 28.40
CA HIS B 386 -20.28 -10.18 29.73
C HIS B 386 -21.07 -11.01 30.72
N VAL B 387 -20.39 -11.47 31.77
CA VAL B 387 -21.00 -12.27 32.82
C VAL B 387 -21.37 -11.35 33.97
N VAL B 388 -22.66 -11.22 34.24
CA VAL B 388 -23.17 -10.36 35.30
C VAL B 388 -24.03 -11.22 36.22
N ASP B 389 -23.77 -11.13 37.52
CA ASP B 389 -24.55 -11.85 38.54
C ASP B 389 -24.49 -13.36 38.29
N GLY B 390 -23.34 -13.85 37.85
CA GLY B 390 -23.15 -15.27 37.63
C GLY B 390 -23.70 -15.80 36.32
N LYS B 391 -24.44 -15.00 35.56
CA LYS B 391 -25.02 -15.42 34.29
C LYS B 391 -24.49 -14.53 33.17
N GLU B 392 -24.04 -15.13 32.08
CA GLU B 392 -23.56 -14.36 30.95
C GLU B 392 -24.72 -13.65 30.25
N ARG B 393 -24.49 -12.41 29.87
CA ARG B 393 -25.50 -11.58 29.23
C ARG B 393 -24.92 -10.93 27.98
N THR B 394 -25.80 -10.56 27.07
CA THR B 394 -25.45 -9.75 25.90
C THR B 394 -25.83 -8.31 26.20
N LEU B 395 -24.85 -7.41 26.14
CA LEU B 395 -25.03 -6.03 26.58
C LEU B 395 -24.63 -5.07 25.48
N LEU B 396 -25.38 -3.97 25.36
CA LEU B 396 -25.02 -2.84 24.52
C LEU B 396 -24.22 -1.86 25.39
N VAL B 397 -22.90 -1.83 25.20
CA VAL B 397 -22.01 -1.08 26.07
C VAL B 397 -21.77 0.30 25.49
N HIS B 398 -22.21 1.33 26.22
CA HIS B 398 -21.95 2.72 25.87
C HIS B 398 -20.60 3.15 26.45
N ARG B 399 -19.75 3.73 25.60
CA ARG B 399 -18.45 4.24 26.04
C ARG B 399 -18.22 5.61 25.41
N LYS B 400 -18.49 6.67 26.17
CA LYS B 400 -18.17 8.04 25.76
C LYS B 400 -17.01 8.52 26.60
N GLY B 401 -15.92 8.92 25.94
CA GLY B 401 -14.71 9.24 26.66
C GLY B 401 -14.09 8.06 27.37
N SER B 402 -14.42 6.84 26.96
CA SER B 402 -13.92 5.63 27.58
C SER B 402 -13.48 4.66 26.50
N THR B 403 -12.45 3.88 26.82
CA THR B 403 -11.83 2.98 25.86
C THR B 403 -12.06 1.53 26.30
N ARG B 404 -12.32 0.67 25.34
CA ARG B 404 -12.40 -0.77 25.59
C ARG B 404 -11.00 -1.31 25.81
N ALA B 405 -10.80 -2.01 26.93
CA ALA B 405 -9.50 -2.58 27.32
C ALA B 405 -9.75 -4.05 27.65
N PHE B 406 -9.90 -4.87 26.61
CA PHE B 406 -10.25 -6.27 26.82
C PHE B 406 -9.07 -7.01 27.43
N PRO B 407 -9.33 -8.03 28.24
CA PRO B 407 -8.29 -8.64 29.06
C PRO B 407 -7.41 -9.58 28.25
N PRO B 408 -6.25 -9.96 28.79
CA PRO B 408 -5.42 -10.95 28.10
C PRO B 408 -6.18 -12.25 27.90
N HIS B 409 -5.90 -12.89 26.76
CA HIS B 409 -6.49 -14.15 26.28
C HIS B 409 -7.93 -13.99 25.82
N HIS B 410 -8.39 -12.77 25.58
CA HIS B 410 -9.74 -12.60 25.07
C HIS B 410 -9.79 -12.99 23.60
N PRO B 411 -10.84 -13.68 23.17
CA PRO B 411 -10.89 -14.14 21.77
C PRO B 411 -10.84 -13.02 20.74
N LEU B 412 -11.39 -11.85 21.05
CA LEU B 412 -11.50 -10.79 20.05
C LEU B 412 -10.16 -10.11 19.80
N ILE B 413 -9.27 -10.11 20.80
CA ILE B 413 -8.02 -9.37 20.66
C ILE B 413 -7.15 -9.99 19.58
N ALA B 414 -6.36 -9.14 18.92
CA ALA B 414 -5.43 -9.61 17.90
C ALA B 414 -4.46 -10.63 18.48
N VAL B 415 -3.84 -11.40 17.59
CA VAL B 415 -3.00 -12.51 18.03
C VAL B 415 -1.75 -12.00 18.75
N ASP B 416 -1.24 -10.83 18.37
CA ASP B 416 0.01 -10.35 18.96
C ASP B 416 -0.17 -9.97 20.42
N TYR B 417 -1.35 -9.47 20.80
CA TYR B 417 -1.59 -8.94 22.14
C TYR B 417 -2.42 -9.88 23.00
N GLN B 418 -2.44 -11.18 22.68
CA GLN B 418 -3.27 -12.12 23.42
C GLN B 418 -2.78 -12.31 24.85
N LEU B 419 -1.48 -12.22 25.07
CA LEU B 419 -0.90 -12.42 26.40
C LEU B 419 -0.60 -11.10 27.11
N THR B 420 -0.63 -9.99 26.40
CA THR B 420 -0.36 -8.68 26.99
C THR B 420 -1.62 -7.96 27.42
N GLY B 421 -2.78 -8.36 26.92
CA GLY B 421 -3.96 -7.53 27.04
C GLY B 421 -4.04 -6.52 25.91
N GLN B 422 -5.26 -6.09 25.61
CA GLN B 422 -5.46 -5.15 24.52
C GLN B 422 -4.70 -3.85 24.80
N PRO B 423 -3.87 -3.39 23.87
CA PRO B 423 -3.20 -2.10 24.06
C PRO B 423 -4.22 -0.96 24.07
N VAL B 424 -4.07 -0.06 25.02
CA VAL B 424 -4.94 1.10 25.17
C VAL B 424 -4.08 2.35 25.16
N LEU B 425 -4.46 3.31 24.33
CA LEU B 425 -3.66 4.50 24.06
C LEU B 425 -4.33 5.70 24.73
N ILE B 426 -3.66 6.27 25.74
CA ILE B 426 -4.17 7.41 26.47
C ILE B 426 -3.53 8.66 25.85
N GLY B 427 -4.31 9.39 25.06
CA GLY B 427 -3.77 10.54 24.36
C GLY B 427 -3.51 11.70 25.30
N GLY B 428 -2.52 12.52 24.93
CA GLY B 428 -2.23 13.76 25.60
C GLY B 428 -2.60 14.97 24.75
N THR B 429 -2.54 16.14 25.38
CA THR B 429 -2.99 17.38 24.76
C THR B 429 -1.94 18.47 24.96
N MET B 430 -1.39 18.97 23.86
CA MET B 430 -0.67 20.23 23.81
C MET B 430 0.47 20.28 24.81
N GLY B 431 1.32 19.25 24.78
CA GLY B 431 2.51 19.20 25.60
C GLY B 431 2.45 18.20 26.73
N THR B 432 1.25 17.74 27.09
CA THR B 432 1.17 16.69 28.10
C THR B 432 1.68 15.37 27.53
N CYS B 433 1.99 14.44 28.40
CA CYS B 433 2.49 13.14 27.97
C CYS B 433 1.34 12.22 27.61
N SER B 434 1.66 11.17 26.85
CA SER B 434 0.73 10.13 26.49
C SER B 434 1.21 8.80 27.06
N TYR B 435 0.26 7.88 27.25
CA TYR B 435 0.57 6.58 27.82
C TYR B 435 -0.05 5.49 26.98
N VAL B 436 0.58 4.31 27.03
CA VAL B 436 0.02 3.09 26.47
C VAL B 436 -0.21 2.13 27.63
N LEU B 437 -1.45 1.70 27.80
CA LEU B 437 -1.83 0.78 28.85
C LEU B 437 -2.31 -0.52 28.23
N THR B 438 -2.47 -1.54 29.07
CA THR B 438 -2.93 -2.85 28.64
C THR B 438 -4.18 -3.24 29.42
N GLY B 439 -5.00 -4.07 28.79
CA GLY B 439 -6.21 -4.54 29.45
C GLY B 439 -5.91 -5.51 30.57
N THR B 440 -6.82 -5.54 31.54
CA THR B 440 -6.65 -6.33 32.75
C THR B 440 -7.88 -7.20 32.97
N GLU B 441 -7.67 -8.37 33.59
CA GLU B 441 -8.79 -9.23 33.97
C GLU B 441 -9.69 -8.55 34.99
N GLN B 442 -9.12 -7.75 35.90
CA GLN B 442 -9.92 -7.02 36.87
C GLN B 442 -10.80 -5.98 36.19
N GLY B 443 -10.33 -5.36 35.11
CA GLY B 443 -11.16 -4.40 34.41
C GLY B 443 -12.34 -5.05 33.72
N MET B 444 -12.14 -6.25 33.18
CA MET B 444 -13.25 -6.99 32.58
C MET B 444 -14.30 -7.32 33.64
N THR B 445 -13.85 -7.62 34.86
CA THR B 445 -14.77 -7.99 35.93
C THR B 445 -15.45 -6.77 36.52
N GLU B 446 -14.73 -5.64 36.64
CA GLU B 446 -15.24 -4.47 37.33
C GLU B 446 -15.85 -3.43 36.41
N THR B 447 -15.28 -3.19 35.22
CA THR B 447 -15.75 -2.12 34.35
C THR B 447 -16.08 -2.62 32.95
N PHE B 448 -16.38 -3.90 32.78
CA PHE B 448 -16.70 -4.48 31.47
C PHE B 448 -15.54 -4.31 30.48
N GLY B 449 -14.31 -4.31 30.98
CA GLY B 449 -13.15 -4.09 30.13
C GLY B 449 -13.04 -2.67 29.62
N THR B 450 -13.26 -1.68 30.48
CA THR B 450 -13.25 -0.28 30.08
C THR B 450 -12.27 0.50 30.94
N THR B 451 -11.66 1.53 30.33
CA THR B 451 -10.73 2.40 31.03
C THR B 451 -10.81 3.79 30.40
N CYS B 452 -9.95 4.68 30.86
CA CYS B 452 -9.98 6.08 30.42
C CYS B 452 -9.55 6.20 28.97
N HIS B 453 -9.73 7.40 28.42
CA HIS B 453 -9.28 7.74 27.08
C HIS B 453 -8.28 8.88 27.06
N GLY B 454 -8.15 9.62 28.15
CA GLY B 454 -7.23 10.75 28.20
C GLY B 454 -7.42 11.51 29.50
N ALA B 455 -7.23 12.83 29.42
CA ALA B 455 -7.50 13.72 30.54
C ALA B 455 -8.91 14.28 30.44
N GLY B 456 -9.32 14.99 31.50
CA GLY B 456 -10.62 15.60 31.52
C GLY B 456 -10.53 17.08 31.84
N ARG B 457 -11.56 17.81 31.43
CA ARG B 457 -11.66 19.23 31.73
C ARG B 457 -12.14 19.45 33.17
N PHE B 470 -3.07 32.00 22.08
CA PHE B 470 -2.31 32.29 23.28
C PHE B 470 -0.81 32.05 23.06
N GLN B 471 -0.05 33.15 22.98
CA GLN B 471 1.40 33.03 22.86
C GLN B 471 2.02 32.38 24.08
N ASP B 472 1.42 32.59 25.26
CA ASP B 472 1.97 32.04 26.50
C ASP B 472 2.10 30.53 26.44
N VAL B 473 1.09 29.85 25.89
CA VAL B 473 1.18 28.40 25.73
C VAL B 473 2.20 28.05 24.66
N LEU B 474 2.17 28.77 23.53
CA LEU B 474 3.17 28.55 22.48
C LEU B 474 4.57 28.84 22.99
N ASP B 475 4.71 29.85 23.85
CA ASP B 475 6.02 30.20 24.39
C ASP B 475 6.57 29.06 25.25
N LYS B 476 5.73 28.51 26.12
CA LYS B 476 6.16 27.41 26.98
C LYS B 476 6.48 26.16 26.16
N LEU B 477 5.62 25.83 25.18
CA LEU B 477 5.86 24.64 24.36
C LEU B 477 7.14 24.77 23.56
N ALA B 478 7.42 25.98 23.04
CA ALA B 478 8.66 26.19 22.29
C ALA B 478 9.88 25.96 23.16
N ASP B 479 9.89 26.57 24.35
CA ASP B 479 11.01 26.39 25.27
C ASP B 479 11.15 24.95 25.72
N MET B 480 10.03 24.22 25.84
CA MET B 480 10.09 22.80 26.13
C MET B 480 10.75 22.01 25.01
N GLY B 481 10.88 22.59 23.82
CA GLY B 481 11.47 21.93 22.69
C GLY B 481 10.50 21.21 21.77
N ILE B 482 9.21 21.51 21.87
CA ILE B 482 8.18 20.84 21.08
C ILE B 482 7.80 21.73 19.91
N ALA B 483 7.92 21.21 18.69
CA ALA B 483 7.48 21.97 17.52
C ALA B 483 5.97 21.97 17.44
N ILE B 484 5.40 23.13 17.10
CA ILE B 484 3.96 23.32 17.11
C ILE B 484 3.51 23.86 15.76
N ARG B 485 2.46 23.27 15.20
CA ARG B 485 1.80 23.77 13.99
C ARG B 485 0.29 23.67 14.24
N VAL B 486 -0.31 24.77 14.65
CA VAL B 486 -1.74 24.83 14.95
C VAL B 486 -2.39 25.89 14.06
N ALA B 487 -3.54 25.54 13.49
CA ALA B 487 -4.22 26.42 12.54
C ALA B 487 -4.81 27.64 13.25
N SER B 488 -5.82 27.43 14.11
CA SER B 488 -6.53 28.52 14.77
C SER B 488 -5.92 28.80 16.14
N PRO B 489 -5.65 30.06 16.48
CA PRO B 489 -5.12 30.37 17.81
C PRO B 489 -6.09 30.03 18.94
N LYS B 490 -7.39 29.88 18.63
CA LYS B 490 -8.34 29.46 19.66
C LYS B 490 -8.04 28.06 20.16
N LEU B 491 -7.50 27.18 19.30
CA LEU B 491 -7.33 25.78 19.67
C LEU B 491 -6.36 25.62 20.83
N VAL B 492 -5.29 26.41 20.86
CA VAL B 492 -4.28 26.28 21.90
C VAL B 492 -4.80 26.82 23.24
N TYR B 500 -8.93 21.06 35.10
CA TYR B 500 -8.27 20.12 34.19
C TYR B 500 -7.55 19.02 34.95
N LYS B 501 -7.76 17.77 34.54
CA LYS B 501 -7.16 16.63 35.22
C LYS B 501 -5.86 16.25 34.54
N ASN B 502 -4.87 15.86 35.35
CA ASN B 502 -3.58 15.45 34.83
C ASN B 502 -3.66 14.03 34.29
N VAL B 503 -3.08 13.82 33.10
CA VAL B 503 -3.08 12.49 32.50
C VAL B 503 -2.44 11.48 33.43
N THR B 504 -1.34 11.88 34.10
CA THR B 504 -0.65 10.98 35.01
C THR B 504 -1.55 10.58 36.17
N ASP B 505 -2.27 11.54 36.76
CA ASP B 505 -3.24 11.22 37.80
C ASP B 505 -4.30 10.26 37.26
N VAL B 506 -4.81 10.53 36.06
CA VAL B 506 -5.83 9.67 35.47
C VAL B 506 -5.29 8.27 35.26
N VAL B 507 -4.12 8.16 34.64
CA VAL B 507 -3.55 6.86 34.31
C VAL B 507 -3.14 6.11 35.57
N ASN B 508 -2.47 6.78 36.51
CA ASN B 508 -2.06 6.12 37.74
C ASN B 508 -3.26 5.62 38.53
N THR B 509 -4.37 6.37 38.50
CA THR B 509 -5.57 5.90 39.17
C THR B 509 -6.07 4.60 38.57
N CYS B 510 -6.07 4.50 37.24
CA CYS B 510 -6.46 3.25 36.59
C CYS B 510 -5.49 2.13 36.92
N HIS B 511 -4.22 2.45 37.13
CA HIS B 511 -3.24 1.41 37.42
C HIS B 511 -3.43 0.86 38.84
N ASP B 512 -3.51 1.74 39.83
CA ASP B 512 -3.71 1.29 41.21
C ASP B 512 -5.08 0.64 41.39
N ALA B 513 -6.12 1.19 40.75
CA ALA B 513 -7.44 0.57 40.77
C ALA B 513 -7.47 -0.74 39.98
N GLY B 514 -6.42 -1.03 39.21
CA GLY B 514 -6.27 -2.33 38.59
C GLY B 514 -7.12 -2.58 37.37
N ILE B 515 -7.71 -1.53 36.77
CA ILE B 515 -8.54 -1.69 35.58
C ILE B 515 -7.73 -1.59 34.30
N SER B 516 -6.50 -1.09 34.36
CA SER B 516 -5.58 -1.10 33.23
C SER B 516 -4.17 -0.99 33.78
N LYS B 517 -3.20 -1.50 33.02
CA LYS B 517 -1.81 -1.60 33.46
C LYS B 517 -0.93 -0.78 32.55
N LYS B 518 -0.11 0.09 33.13
CA LYS B 518 0.80 0.93 32.35
C LYS B 518 1.79 0.09 31.56
N ALA B 519 2.16 0.58 30.39
CA ALA B 519 3.17 -0.11 29.56
C ALA B 519 4.26 0.86 29.13
N ILE B 520 3.88 2.01 28.57
CA ILE B 520 4.82 2.95 27.98
C ILE B 520 4.35 4.38 28.27
N LYS B 521 5.30 5.26 28.59
CA LYS B 521 5.06 6.69 28.62
C LYS B 521 5.73 7.34 27.41
N LEU B 522 4.99 8.22 26.74
CA LEU B 522 5.46 8.87 25.53
C LEU B 522 5.49 10.38 25.73
N ARG B 523 6.49 11.02 25.12
CA ARG B 523 6.71 12.44 25.25
C ARG B 523 6.60 13.10 23.87
N PRO B 524 5.86 14.19 23.74
CA PRO B 524 5.71 14.81 22.42
C PRO B 524 6.92 15.65 22.05
N ILE B 525 7.29 15.59 20.77
CA ILE B 525 8.27 16.51 20.20
C ILE B 525 7.69 17.36 19.08
N ALA B 526 6.51 17.03 18.57
CA ALA B 526 5.84 17.81 17.56
C ALA B 526 4.33 17.64 17.71
N VAL B 527 3.60 18.74 17.66
CA VAL B 527 2.15 18.76 17.84
C VAL B 527 1.52 19.44 16.63
N ILE B 528 0.57 18.77 16.00
CA ILE B 528 -0.12 19.28 14.81
C ILE B 528 -1.61 19.26 15.10
N LYS B 529 -2.29 20.38 14.82
CA LYS B 529 -3.73 20.46 15.06
C LYS B 529 -4.36 21.36 14.01
N GLY B 530 -5.37 20.84 13.32
CA GLY B 530 -6.11 21.58 12.32
C GLY B 530 -7.57 21.16 12.26
#